data_6JIF
#
_entry.id   6JIF
#
_cell.length_a   71.825
_cell.length_b   95.717
_cell.length_c   109.824
_cell.angle_alpha   90.00
_cell.angle_beta   90.00
_cell.angle_gamma   90.00
#
_symmetry.space_group_name_H-M   'P 21 21 21'
#
loop_
_entity.id
_entity.type
_entity.pdbx_description
1 polymer 'Branched-chain-amino-acid aminotransferase'
2 non-polymer "PYRIDOXAL-5'-PHOSPHATE"
3 water water
#
_entity_poly.entity_id   1
_entity_poly.type   'polypeptide(L)'
_entity_poly.pdbx_seq_one_letter_code
;MGSSHHHHHHSSGLVPRGSHMGNESINWDKLGFDYIKTDKRYLSYFRNGEWDKGTLTEDNVLHISEGSTALHYGQQCFEG
MKAYRCKDGSINLFRPDQNALRMQRSCARLLMPQVDTEQFIEACKAVVRANERFIPPYGTGGALYLRPFVIGVGDNIGVR
TAPEFIFSIFCIPVGAYFKGGLTPHNFQISSYDRAAPQGTGAAKVGGNYAASLMPGSKAKKAHFADAIYLDPMTHTKIEE
VGSANFFGITHDNKFVTPNSPSVLPGITRLSLIELAKTRLGMEVVEGDVFIDKLSDFKEAGACGTAAVITPIGGIDYNDH
LHVFHSETEVGPVTQKLYKELTGVQTGDIEAPAGWIVKV
;
_entity_poly.pdbx_strand_id   A,B
#
# COMPACT_ATOMS: atom_id res chain seq x y z
N ASN A 27 3.11 31.65 14.33
CA ASN A 27 2.16 32.64 13.83
C ASN A 27 0.92 31.97 13.25
N TRP A 28 -0.19 32.06 14.00
CA TRP A 28 -1.42 31.35 13.64
C TRP A 28 -1.93 31.79 12.27
N ASP A 29 -1.56 33.00 11.85
CA ASP A 29 -1.97 33.49 10.54
C ASP A 29 -1.39 32.69 9.39
N LYS A 30 -0.15 32.24 9.50
CA LYS A 30 0.46 31.51 8.39
C LYS A 30 0.38 29.98 8.56
N LEU A 31 -0.50 29.49 9.41
CA LEU A 31 -0.58 28.05 9.65
C LEU A 31 -1.07 27.33 8.39
N GLY A 32 -0.42 26.22 8.04
CA GLY A 32 -0.87 25.39 6.95
C GLY A 32 -1.16 23.96 7.39
N PHE A 33 -0.69 22.98 6.64
CA PHE A 33 -0.80 21.57 7.04
C PHE A 33 0.60 20.99 6.90
N ASP A 34 1.48 21.24 7.89
CA ASP A 34 2.89 20.91 7.78
C ASP A 34 3.35 20.25 9.05
N TYR A 35 4.31 19.33 8.93
CA TYR A 35 4.83 18.68 10.12
C TYR A 35 5.65 19.67 10.96
N ILE A 36 5.34 19.74 12.24
CA ILE A 36 6.14 20.41 13.26
C ILE A 36 6.25 19.44 14.42
N LYS A 37 7.41 19.37 15.07
CA LYS A 37 7.53 18.47 16.22
C LYS A 37 6.92 19.14 17.45
N THR A 38 5.78 18.64 17.89
CA THR A 38 5.16 19.09 19.13
C THR A 38 5.77 18.30 20.29
N ASP A 39 5.30 18.57 21.52
CA ASP A 39 6.07 18.18 22.70
C ASP A 39 6.00 16.69 22.99
N LYS A 40 4.80 16.11 23.01
CA LYS A 40 4.63 14.71 23.40
C LYS A 40 3.78 13.98 22.37
N ARG A 41 4.10 12.70 22.16
CA ARG A 41 3.25 11.82 21.36
C ARG A 41 3.00 10.55 22.16
N TYR A 42 1.85 9.92 21.89
CA TYR A 42 1.45 8.67 22.53
C TYR A 42 2.07 7.52 21.77
N LEU A 43 2.53 6.51 22.53
CA LEU A 43 3.24 5.36 21.98
C LEU A 43 2.84 4.12 22.76
N SER A 44 2.34 3.11 22.04
CA SER A 44 1.89 1.86 22.63
C SER A 44 2.31 0.72 21.71
N TYR A 45 2.84 -0.34 22.31
CA TYR A 45 3.24 -1.55 21.60
C TYR A 45 2.24 -2.65 21.86
N PHE A 46 1.94 -3.40 20.79
CA PHE A 46 1.26 -4.69 20.87
C PHE A 46 2.29 -5.79 20.71
N ARG A 47 2.36 -6.67 21.70
CA ARG A 47 3.24 -7.83 21.70
C ARG A 47 2.52 -8.96 22.43
N ASN A 48 2.72 -10.20 21.97
CA ASN A 48 2.17 -11.37 22.66
C ASN A 48 0.67 -11.20 22.94
N GLY A 49 -0.05 -10.64 21.99
CA GLY A 49 -1.50 -10.62 22.09
C GLY A 49 -2.12 -9.53 22.93
N GLU A 50 -1.36 -8.53 23.37
CA GLU A 50 -1.88 -7.49 24.24
C GLU A 50 -1.24 -6.15 23.91
N TRP A 51 -2.03 -5.08 24.01
CA TRP A 51 -1.50 -3.73 23.98
C TRP A 51 -0.95 -3.39 25.35
N ASP A 52 0.17 -2.68 25.37
CA ASP A 52 0.61 -2.18 26.66
C ASP A 52 -0.28 -1.02 27.09
N LYS A 53 0.08 -0.44 28.21
CA LYS A 53 -0.79 0.59 28.74
C LYS A 53 -0.57 1.96 28.12
N GLY A 54 0.38 2.08 27.21
CA GLY A 54 0.70 3.33 26.57
C GLY A 54 1.57 4.26 27.40
N THR A 55 2.23 5.16 26.68
CA THR A 55 3.05 6.18 27.33
C THR A 55 3.09 7.43 26.44
N LEU A 56 3.47 8.56 27.05
CA LEU A 56 3.76 9.78 26.30
C LEU A 56 5.27 9.94 26.24
N THR A 57 5.78 10.23 25.05
CA THR A 57 7.22 10.32 24.84
C THR A 57 7.52 11.56 24.02
N GLU A 58 8.72 12.08 24.19
CA GLU A 58 9.20 13.22 23.41
C GLU A 58 9.92 12.79 22.13
N ASP A 59 10.15 11.48 21.98
CA ASP A 59 10.93 10.93 20.87
C ASP A 59 10.02 10.85 19.68
N ASN A 60 10.31 11.65 18.64
CA ASN A 60 9.50 11.59 17.42
C ASN A 60 10.14 10.74 16.35
N VAL A 61 11.12 9.92 16.74
CA VAL A 61 11.78 8.95 15.88
C VAL A 61 11.33 7.56 16.30
N LEU A 62 10.83 6.80 15.35
CA LEU A 62 10.47 5.42 15.60
C LEU A 62 11.70 4.53 15.38
N HIS A 63 11.82 3.50 16.20
CA HIS A 63 12.96 2.60 16.11
C HIS A 63 12.38 1.22 15.82
N ILE A 64 12.32 0.85 14.54
CA ILE A 64 11.59 -0.34 14.08
C ILE A 64 12.51 -1.22 13.25
N SER A 65 12.27 -2.54 13.29
CA SER A 65 13.11 -3.48 12.59
C SER A 65 13.20 -3.18 11.08
N GLU A 66 14.36 -3.45 10.50
CA GLU A 66 14.52 -3.39 9.05
C GLU A 66 13.54 -4.31 8.32
N GLY A 67 13.03 -5.37 9.00
CA GLY A 67 12.05 -6.26 8.41
C GLY A 67 10.59 -5.98 8.73
N SER A 68 10.26 -4.75 9.19
CA SER A 68 8.89 -4.41 9.58
C SER A 68 7.91 -4.54 8.40
N THR A 69 6.80 -5.24 8.61
CA THR A 69 5.79 -5.32 7.55
C THR A 69 5.24 -3.95 7.16
N ALA A 70 5.31 -2.96 8.08
CA ALA A 70 4.84 -1.62 7.75
C ALA A 70 5.66 -1.02 6.63
N LEU A 71 6.92 -1.45 6.49
CA LEU A 71 7.82 -0.91 5.47
C LEU A 71 7.91 -1.77 4.21
N HIS A 72 7.56 -3.05 4.27
CA HIS A 72 7.65 -3.95 3.11
C HIS A 72 6.31 -4.32 2.54
N TYR A 73 5.32 -4.56 3.39
CA TYR A 73 4.02 -5.06 2.93
C TYR A 73 2.88 -4.08 3.23
N GLY A 74 3.18 -2.78 3.34
CA GLY A 74 2.09 -1.80 3.43
C GLY A 74 1.17 -1.98 4.62
N GLN A 75 1.65 -2.64 5.67
CA GLN A 75 0.78 -2.99 6.79
C GLN A 75 0.79 -1.80 7.73
N GLN A 76 -0.09 -0.87 7.44
CA GLN A 76 -0.14 0.41 8.13
C GLN A 76 -1.52 1.03 7.93
N CYS A 77 -1.99 1.79 8.93
CA CYS A 77 -3.22 2.56 8.74
C CYS A 77 -3.13 3.83 9.54
N PHE A 78 -3.94 4.83 9.19
CA PHE A 78 -3.91 6.03 10.02
C PHE A 78 -5.30 6.67 10.05
N GLU A 79 -5.42 7.67 10.94
CA GLU A 79 -6.61 8.45 11.17
C GLU A 79 -6.24 9.93 11.26
N GLY A 80 -7.28 10.76 11.31
CA GLY A 80 -7.08 12.19 11.40
C GLY A 80 -8.28 12.87 12.00
N MET A 81 -8.06 13.68 13.03
CA MET A 81 -9.18 14.40 13.65
C MET A 81 -8.63 15.70 14.22
N LYS A 82 -9.53 16.63 14.53
CA LYS A 82 -9.10 17.93 15.02
C LYS A 82 -9.68 18.21 16.40
N ALA A 83 -8.89 18.97 17.18
CA ALA A 83 -9.31 19.62 18.41
C ALA A 83 -9.30 21.12 18.19
N TYR A 84 -10.34 21.78 18.71
CA TYR A 84 -10.63 23.20 18.48
C TYR A 84 -10.76 23.92 19.82
N ARG A 85 -10.13 25.07 19.92
CA ARG A 85 -10.32 25.92 21.07
C ARG A 85 -11.64 26.66 20.89
N CYS A 86 -12.53 26.53 21.86
CA CYS A 86 -13.80 27.23 21.85
C CYS A 86 -13.63 28.63 22.38
N LYS A 87 -14.61 29.47 22.06
CA LYS A 87 -14.61 30.84 22.54
C LYS A 87 -14.63 30.89 24.06
N ASP A 88 -15.28 29.89 24.70
CA ASP A 88 -15.41 29.91 26.15
C ASP A 88 -14.20 29.34 26.85
N GLY A 89 -13.15 29.01 26.12
CA GLY A 89 -11.93 28.49 26.69
C GLY A 89 -11.82 26.98 26.70
N SER A 90 -12.92 26.25 26.44
CA SER A 90 -12.90 24.78 26.43
C SER A 90 -12.31 24.29 25.12
N ILE A 91 -12.15 22.95 25.03
CA ILE A 91 -11.54 22.31 23.87
C ILE A 91 -12.50 21.24 23.35
N ASN A 92 -12.82 21.31 22.05
CA ASN A 92 -13.65 20.31 21.37
C ASN A 92 -12.77 19.36 20.58
N LEU A 93 -12.84 18.08 20.89
CA LEU A 93 -12.27 17.05 20.02
C LEU A 93 -13.43 16.51 19.20
N PHE A 94 -13.29 16.54 17.86
CA PHE A 94 -14.46 16.31 16.99
C PHE A 94 -14.59 14.83 16.63
N ARG A 95 -15.66 14.20 17.12
CA ARG A 95 -16.11 12.85 16.75
C ARG A 95 -15.00 11.80 16.79
N PRO A 96 -14.15 11.76 17.83
CA PRO A 96 -13.06 10.79 17.85
C PRO A 96 -13.55 9.35 17.89
N ASP A 97 -14.74 9.11 18.41
CA ASP A 97 -15.33 7.76 18.33
C ASP A 97 -15.44 7.29 16.88
N GLN A 98 -15.79 8.20 15.95
CA GLN A 98 -15.94 7.77 14.56
C GLN A 98 -14.59 7.41 13.99
N ASN A 99 -13.55 8.14 14.40
CA ASN A 99 -12.22 7.72 13.98
C ASN A 99 -11.91 6.35 14.55
N ALA A 100 -12.25 6.13 15.81
CA ALA A 100 -11.99 4.85 16.46
C ALA A 100 -12.62 3.70 15.71
N LEU A 101 -13.89 3.89 15.31
CA LEU A 101 -14.62 2.87 14.55
C LEU A 101 -13.97 2.60 13.20
N ARG A 102 -13.60 3.68 12.49
CA ARG A 102 -12.99 3.47 11.17
C ARG A 102 -11.63 2.81 11.29
N MET A 103 -10.81 3.20 12.29
CA MET A 103 -9.51 2.56 12.41
C MET A 103 -9.63 1.11 12.81
N GLN A 104 -10.65 0.78 13.58
CA GLN A 104 -10.91 -0.63 13.85
C GLN A 104 -11.13 -1.41 12.55
N ARG A 105 -11.89 -0.81 11.63
CA ARG A 105 -12.15 -1.49 10.35
C ARG A 105 -10.88 -1.52 9.49
N SER A 106 -10.09 -0.46 9.49
CA SER A 106 -8.88 -0.45 8.69
C SER A 106 -7.92 -1.52 9.22
N CYS A 107 -7.82 -1.58 10.55
CA CYS A 107 -6.99 -2.57 11.20
C CYS A 107 -7.44 -3.99 10.85
N ALA A 108 -8.73 -4.24 10.96
CA ALA A 108 -9.23 -5.57 10.64
C ALA A 108 -8.93 -5.94 9.19
N ARG A 109 -9.04 -4.99 8.27
CA ARG A 109 -8.82 -5.32 6.87
C ARG A 109 -7.37 -5.70 6.61
N LEU A 110 -6.43 -5.16 7.38
CA LEU A 110 -5.04 -5.52 7.21
C LEU A 110 -4.53 -6.52 8.25
N LEU A 111 -5.42 -7.19 8.99
CA LEU A 111 -5.03 -8.21 9.99
C LEU A 111 -4.20 -7.63 11.12
N MET A 112 -4.42 -6.33 11.47
CA MET A 112 -3.79 -5.74 12.64
C MET A 112 -4.72 -5.76 13.83
N PRO A 113 -4.15 -5.83 15.04
CA PRO A 113 -4.96 -5.77 16.27
C PRO A 113 -5.69 -4.45 16.35
N GLN A 114 -6.89 -4.49 16.94
CA GLN A 114 -7.71 -3.29 16.98
C GLN A 114 -7.49 -2.55 18.28
N VAL A 115 -7.67 -1.22 18.24
CA VAL A 115 -7.69 -0.37 19.43
C VAL A 115 -9.14 -0.12 19.78
N ASP A 116 -9.52 -0.53 20.98
CA ASP A 116 -10.89 -0.38 21.42
C ASP A 116 -11.22 1.10 21.59
N THR A 117 -12.51 1.41 21.49
CA THR A 117 -12.90 2.80 21.36
C THR A 117 -12.48 3.62 22.58
N GLU A 118 -12.55 3.05 23.79
CA GLU A 118 -12.24 3.87 24.98
C GLU A 118 -10.74 4.14 25.11
N GLN A 119 -9.91 3.13 24.85
CA GLN A 119 -8.44 3.27 24.79
C GLN A 119 -8.00 4.32 23.77
N PHE A 120 -8.56 4.25 22.55
CA PHE A 120 -8.26 5.21 21.47
C PHE A 120 -8.59 6.66 21.89
N ILE A 121 -9.82 6.88 22.40
CA ILE A 121 -10.27 8.24 22.72
C ILE A 121 -9.45 8.79 23.86
N GLU A 122 -9.13 7.96 24.86
CA GLU A 122 -8.30 8.40 25.98
C GLU A 122 -6.91 8.76 25.52
N ALA A 123 -6.34 7.99 24.58
CA ALA A 123 -5.02 8.32 24.05
C ALA A 123 -5.04 9.67 23.30
N CYS A 124 -6.11 9.91 22.52
CA CYS A 124 -6.27 11.21 21.84
C CYS A 124 -6.36 12.37 22.85
N LYS A 125 -7.18 12.20 23.89
CA LYS A 125 -7.30 13.26 24.88
C LYS A 125 -5.95 13.53 25.58
N ALA A 126 -5.18 12.46 25.82
CA ALA A 126 -3.89 12.64 26.51
C ALA A 126 -2.93 13.43 25.64
N VAL A 127 -2.93 13.17 24.34
CA VAL A 127 -2.10 13.96 23.45
C VAL A 127 -2.56 15.43 23.42
N VAL A 128 -3.88 15.66 23.42
CA VAL A 128 -4.34 17.05 23.43
C VAL A 128 -3.88 17.77 24.68
N ARG A 129 -4.12 17.17 25.85
CA ARG A 129 -3.71 17.78 27.12
C ARG A 129 -2.20 17.96 27.20
N ALA A 130 -1.43 17.02 26.67
CA ALA A 130 0.03 17.17 26.75
C ALA A 130 0.56 18.25 25.80
N ASN A 131 -0.24 18.70 24.82
CA ASN A 131 0.25 19.68 23.84
C ASN A 131 -0.65 20.89 23.70
N GLU A 132 -1.40 21.23 24.76
CA GLU A 132 -2.32 22.38 24.71
C GLU A 132 -1.69 23.69 24.20
N ARG A 133 -0.40 23.93 24.43
CA ARG A 133 0.16 25.20 23.97
C ARG A 133 0.22 25.30 22.44
N PHE A 134 0.08 24.20 21.71
CA PHE A 134 0.04 24.20 20.26
C PHE A 134 -1.39 24.35 19.73
N ILE A 135 -2.38 24.49 20.59
CA ILE A 135 -3.75 24.66 20.13
C ILE A 135 -3.92 26.12 19.71
N PRO A 136 -4.21 26.41 18.44
CA PRO A 136 -4.41 27.80 18.04
C PRO A 136 -5.59 28.41 18.77
N PRO A 137 -5.53 29.71 19.07
CA PRO A 137 -6.64 30.38 19.77
C PRO A 137 -7.92 30.42 18.93
N TYR A 138 -9.02 30.61 19.63
CA TYR A 138 -10.30 30.74 18.95
C TYR A 138 -10.29 31.93 17.99
N GLY A 139 -10.92 31.78 16.83
CA GLY A 139 -11.04 32.90 15.91
C GLY A 139 -10.00 32.98 14.81
N THR A 140 -9.02 32.08 14.81
CA THR A 140 -7.97 32.06 13.80
C THR A 140 -8.23 31.09 12.67
N GLY A 141 -9.26 30.27 12.77
CA GLY A 141 -9.44 29.16 11.88
C GLY A 141 -8.51 27.98 12.15
N GLY A 142 -7.65 28.05 13.19
CA GLY A 142 -6.69 26.98 13.42
C GLY A 142 -7.25 25.89 14.33
N ALA A 143 -6.54 24.76 14.35
CA ALA A 143 -6.91 23.63 15.17
C ALA A 143 -5.65 22.84 15.46
N LEU A 144 -5.78 21.90 16.37
CA LEU A 144 -4.72 20.93 16.62
C LEU A 144 -5.16 19.64 15.93
N TYR A 145 -4.43 19.22 14.92
CA TYR A 145 -4.73 18.00 14.19
C TYR A 145 -3.98 16.82 14.83
N LEU A 146 -4.71 15.70 15.06
CA LEU A 146 -4.13 14.48 15.63
C LEU A 146 -4.05 13.41 14.54
N ARG A 147 -2.89 12.75 14.45
CA ARG A 147 -2.58 11.65 13.52
C ARG A 147 -2.28 10.39 14.34
N PRO A 148 -3.30 9.61 14.65
CA PRO A 148 -3.09 8.24 15.13
C PRO A 148 -2.69 7.34 13.97
N PHE A 149 -1.93 6.31 14.27
CA PHE A 149 -1.63 5.36 13.22
C PHE A 149 -1.21 4.05 13.87
N VAL A 150 -1.42 2.96 13.14
CA VAL A 150 -1.02 1.64 13.61
C VAL A 150 -0.16 1.05 12.51
N ILE A 151 0.97 0.46 12.90
CA ILE A 151 1.94 -0.10 11.96
C ILE A 151 2.43 -1.45 12.46
N GLY A 152 2.65 -2.35 11.51
CA GLY A 152 3.27 -3.63 11.80
C GLY A 152 4.80 -3.51 11.87
N VAL A 153 5.37 -4.06 12.93
CA VAL A 153 6.80 -3.96 13.19
C VAL A 153 7.32 -5.32 13.69
N GLY A 154 8.62 -5.36 13.99
CA GLY A 154 9.27 -6.59 14.36
C GLY A 154 9.98 -7.28 13.18
N ASP A 155 10.97 -8.13 13.52
CA ASP A 155 11.72 -8.86 12.50
C ASP A 155 10.82 -9.82 11.76
N ASN A 156 10.86 -9.74 10.43
CA ASN A 156 10.00 -10.58 9.62
C ASN A 156 10.46 -10.55 8.19
N ILE A 157 10.20 -11.64 7.47
CA ILE A 157 10.31 -11.69 6.01
C ILE A 157 9.21 -12.61 5.52
N GLY A 158 8.63 -12.27 4.37
CA GLY A 158 7.50 -13.04 3.89
C GLY A 158 6.19 -12.37 4.29
N VAL A 159 5.26 -12.27 3.34
CA VAL A 159 4.05 -11.49 3.56
C VAL A 159 3.14 -12.23 4.53
N ARG A 160 2.87 -11.60 5.66
CA ARG A 160 2.00 -12.15 6.67
C ARG A 160 1.76 -10.99 7.62
N THR A 161 0.86 -11.19 8.57
CA THR A 161 0.73 -10.17 9.58
C THR A 161 1.95 -10.16 10.52
N ALA A 162 2.32 -8.94 10.96
CA ALA A 162 3.51 -8.75 11.77
C ALA A 162 3.37 -9.42 13.14
N PRO A 163 4.51 -9.76 13.78
CA PRO A 163 4.46 -10.26 15.15
C PRO A 163 4.26 -9.16 16.18
N GLU A 164 4.55 -7.90 15.84
CA GLU A 164 4.37 -6.81 16.78
C GLU A 164 3.70 -5.64 16.08
N PHE A 165 3.13 -4.72 16.87
CA PHE A 165 2.58 -3.50 16.28
C PHE A 165 2.88 -2.30 17.16
N ILE A 166 2.88 -1.12 16.53
CA ILE A 166 2.95 0.15 17.23
C ILE A 166 1.68 0.93 16.91
N PHE A 167 1.08 1.48 17.96
CA PHE A 167 0.02 2.46 17.87
C PHE A 167 0.62 3.75 18.39
N SER A 168 0.60 4.81 17.57
CA SER A 168 1.13 6.09 18.02
C SER A 168 0.16 7.20 17.66
N ILE A 169 0.23 8.30 18.40
CA ILE A 169 -0.57 9.48 18.05
C ILE A 169 0.35 10.66 18.20
N PHE A 170 0.57 11.41 17.12
CA PHE A 170 1.22 12.73 17.28
C PHE A 170 0.28 13.81 16.78
N CYS A 171 0.60 15.05 17.13
CA CYS A 171 -0.26 16.15 16.71
C CYS A 171 0.58 17.26 16.12
N ILE A 172 -0.12 18.10 15.35
CA ILE A 172 0.48 19.30 14.76
C ILE A 172 -0.58 20.37 14.71
N PRO A 173 -0.21 21.65 14.88
CA PRO A 173 -1.19 22.71 14.64
C PRO A 173 -1.43 22.89 13.14
N VAL A 174 -2.69 23.12 12.76
CA VAL A 174 -3.10 23.23 11.36
C VAL A 174 -4.01 24.44 11.17
N GLY A 175 -3.97 25.03 9.97
CA GLY A 175 -4.86 26.13 9.60
C GLY A 175 -5.86 25.65 8.56
N ALA A 176 -7.15 25.95 8.80
CA ALA A 176 -8.21 25.38 7.96
C ALA A 176 -8.20 25.93 6.53
N TYR A 177 -7.70 27.16 6.34
CA TYR A 177 -7.64 27.74 5.00
C TYR A 177 -6.42 27.31 4.21
N PHE A 178 -5.74 26.22 4.53
CA PHE A 178 -4.53 25.88 3.79
C PHE A 178 -4.79 25.40 2.38
N LYS A 179 -5.99 24.90 2.05
CA LYS A 179 -6.33 24.62 0.65
C LYS A 179 -7.03 25.80 -0.01
N GLY A 180 -7.02 26.96 0.61
CA GLY A 180 -7.67 28.14 0.05
C GLY A 180 -8.98 28.54 0.71
N GLY A 181 -9.50 27.73 1.62
CA GLY A 181 -10.75 28.19 2.18
C GLY A 181 -11.85 27.83 1.21
N LEU A 182 -12.83 28.71 1.10
CA LEU A 182 -13.91 28.46 0.16
C LEU A 182 -13.62 29.02 -1.24
N THR A 183 -12.34 29.12 -1.62
CA THR A 183 -12.02 29.46 -3.01
C THR A 183 -12.20 28.18 -3.84
N PRO A 184 -12.84 28.24 -5.01
CA PRO A 184 -13.03 27.01 -5.81
C PRO A 184 -11.76 26.56 -6.50
N HIS A 185 -11.71 25.27 -6.81
CA HIS A 185 -10.57 24.74 -7.55
C HIS A 185 -11.05 23.83 -8.68
N ASN A 186 -10.18 23.64 -9.66
CA ASN A 186 -10.44 22.75 -10.78
C ASN A 186 -9.74 21.41 -10.58
N PHE A 187 -10.43 20.34 -10.93
CA PHE A 187 -9.88 18.98 -10.80
C PHE A 187 -10.03 18.26 -12.14
N GLN A 188 -9.19 17.24 -12.34
CA GLN A 188 -9.05 16.50 -13.60
C GLN A 188 -9.28 15.02 -13.35
N ILE A 189 -10.21 14.42 -14.09
CA ILE A 189 -10.42 12.97 -13.99
C ILE A 189 -9.13 12.27 -14.36
N SER A 190 -8.78 11.23 -13.60
CA SER A 190 -7.57 10.45 -13.82
C SER A 190 -7.92 9.16 -14.56
N SER A 191 -7.00 8.69 -15.39
CA SER A 191 -7.14 7.36 -15.97
C SER A 191 -6.63 6.27 -15.02
N TYR A 192 -5.99 6.64 -13.91
CA TYR A 192 -5.43 5.67 -12.95
C TYR A 192 -6.43 5.43 -11.82
N ASP A 193 -6.17 4.40 -11.02
CA ASP A 193 -7.05 3.99 -9.92
C ASP A 193 -6.34 4.13 -8.60
N ARG A 194 -7.00 4.73 -7.62
CA ARG A 194 -6.43 4.72 -6.28
C ARG A 194 -6.59 3.37 -5.60
N ALA A 195 -7.57 2.58 -5.99
CA ALA A 195 -7.91 1.34 -5.29
C ALA A 195 -8.61 0.44 -6.28
N ALA A 196 -8.59 -0.87 -5.97
CA ALA A 196 -9.25 -1.89 -6.77
C ALA A 196 -10.73 -1.98 -6.38
N PRO A 197 -11.56 -2.64 -7.19
CA PRO A 197 -12.98 -2.79 -6.81
C PRO A 197 -13.21 -3.49 -5.50
N GLN A 198 -12.41 -4.54 -5.23
CA GLN A 198 -12.47 -5.33 -4.00
C GLN A 198 -11.08 -5.30 -3.35
N GLY A 199 -10.53 -4.11 -3.25
CA GLY A 199 -9.24 -3.85 -2.66
C GLY A 199 -9.36 -3.18 -1.29
N THR A 200 -8.43 -2.28 -1.00
CA THR A 200 -8.34 -1.65 0.32
C THR A 200 -8.87 -0.22 0.28
N GLY A 201 -9.65 0.11 -0.74
CA GLY A 201 -10.10 1.49 -0.89
C GLY A 201 -11.01 2.03 0.19
N ALA A 202 -11.73 1.15 0.91
CA ALA A 202 -12.62 1.58 1.99
C ALA A 202 -11.96 1.63 3.34
N ALA A 203 -10.69 1.26 3.41
CA ALA A 203 -9.85 1.34 4.61
C ALA A 203 -8.87 2.50 4.47
N LYS A 204 -8.54 3.13 5.59
CA LYS A 204 -7.63 4.28 5.52
C LYS A 204 -6.18 3.77 5.70
N VAL A 205 -5.62 3.23 4.61
CA VAL A 205 -4.29 2.63 4.65
C VAL A 205 -3.38 3.26 3.61
N GLY A 206 -2.07 3.16 3.86
CA GLY A 206 -1.10 3.88 3.06
C GLY A 206 -1.06 3.48 1.60
N GLY A 207 -1.42 2.24 1.26
CA GLY A 207 -1.31 1.81 -0.13
C GLY A 207 -2.22 2.60 -1.06
N ASN A 208 -3.35 3.05 -0.54
CA ASN A 208 -4.29 3.85 -1.34
C ASN A 208 -3.64 5.17 -1.70
N TYR A 209 -2.91 5.75 -0.75
CA TYR A 209 -2.22 7.00 -1.00
C TYR A 209 -1.05 6.80 -1.95
N ALA A 210 -0.29 5.73 -1.74
CA ALA A 210 0.84 5.43 -2.62
C ALA A 210 0.39 5.35 -4.08
N ALA A 211 -0.73 4.67 -4.32
CA ALA A 211 -1.33 4.59 -5.65
C ALA A 211 -1.75 5.95 -6.18
N SER A 212 -2.05 6.91 -5.29
CA SER A 212 -2.52 8.22 -5.75
C SER A 212 -1.38 9.21 -5.99
N LEU A 213 -0.16 8.90 -5.55
CA LEU A 213 0.93 9.88 -5.64
C LEU A 213 1.20 10.34 -7.08
N MET A 214 1.43 9.39 -7.98
CA MET A 214 1.71 9.75 -9.36
C MET A 214 0.50 10.38 -10.05
N PRO A 215 -0.71 9.82 -9.97
CA PRO A 215 -1.87 10.46 -10.65
C PRO A 215 -2.13 11.85 -10.13
N GLY A 216 -1.94 12.06 -8.83
CA GLY A 216 -2.14 13.41 -8.28
C GLY A 216 -1.08 14.38 -8.78
N SER A 217 0.16 13.92 -8.83
CA SER A 217 1.25 14.70 -9.39
C SER A 217 1.01 15.06 -10.86
N LYS A 218 0.48 14.13 -11.64
CA LYS A 218 0.21 14.43 -13.05
C LYS A 218 -0.85 15.48 -13.18
N ALA A 219 -1.91 15.39 -12.37
CA ALA A 219 -2.92 16.41 -12.41
C ALA A 219 -2.37 17.78 -12.03
N LYS A 220 -1.51 17.83 -10.99
CA LYS A 220 -0.94 19.10 -10.57
C LYS A 220 0.01 19.68 -11.60
N LYS A 221 0.74 18.84 -12.30
CA LYS A 221 1.61 19.34 -13.34
C LYS A 221 0.81 19.94 -14.49
N ALA A 222 -0.41 19.46 -14.70
CA ALA A 222 -1.29 19.98 -15.73
C ALA A 222 -2.13 21.15 -15.20
N HIS A 223 -1.77 21.69 -14.03
CA HIS A 223 -2.33 22.90 -13.45
C HIS A 223 -3.72 22.67 -12.87
N PHE A 224 -3.99 21.45 -12.42
CA PHE A 224 -5.17 21.19 -11.60
C PHE A 224 -4.82 21.05 -10.12
N ALA A 225 -5.84 21.21 -9.28
CA ALA A 225 -5.64 21.09 -7.84
C ALA A 225 -5.33 19.64 -7.47
N ASP A 226 -5.98 18.70 -8.13
CA ASP A 226 -5.78 17.29 -7.83
C ASP A 226 -6.46 16.45 -8.91
N ALA A 227 -6.31 15.13 -8.77
CA ALA A 227 -6.98 14.12 -9.60
C ALA A 227 -8.32 13.71 -9.00
N ILE A 228 -9.25 13.35 -9.88
CA ILE A 228 -10.49 12.72 -9.43
C ILE A 228 -10.44 11.28 -9.91
N TYR A 229 -10.79 10.34 -9.02
CA TYR A 229 -10.80 8.93 -9.31
C TYR A 229 -12.23 8.46 -9.53
N LEU A 230 -12.43 7.69 -10.62
CA LEU A 230 -13.71 7.08 -10.96
C LEU A 230 -13.77 5.66 -10.41
N ASP A 231 -14.96 5.04 -10.49
CA ASP A 231 -15.03 3.65 -10.04
C ASP A 231 -14.07 2.79 -10.85
N PRO A 232 -13.29 1.91 -10.21
CA PRO A 232 -12.22 1.24 -10.99
C PRO A 232 -12.71 0.18 -11.96
N MET A 233 -13.91 -0.38 -11.76
CA MET A 233 -14.36 -1.43 -12.65
C MET A 233 -14.77 -0.86 -14.01
N THR A 234 -15.38 0.33 -14.05
CA THR A 234 -16.01 0.83 -15.30
C THR A 234 -15.60 2.26 -15.69
N HIS A 235 -15.09 3.06 -14.77
CA HIS A 235 -14.74 4.47 -15.02
C HIS A 235 -15.95 5.26 -15.54
N THR A 236 -17.10 5.06 -14.89
CA THR A 236 -18.27 5.83 -15.24
C THR A 236 -18.83 6.68 -14.10
N LYS A 237 -18.36 6.50 -12.88
CA LYS A 237 -18.91 7.13 -11.69
C LYS A 237 -17.77 7.72 -10.88
N ILE A 238 -17.95 8.92 -10.33
CA ILE A 238 -16.93 9.52 -9.49
C ILE A 238 -16.86 8.81 -8.16
N GLU A 239 -15.62 8.56 -7.66
CA GLU A 239 -15.50 7.99 -6.33
C GLU A 239 -14.83 8.94 -5.34
N GLU A 240 -13.71 9.57 -5.73
CA GLU A 240 -12.95 10.37 -4.78
C GLU A 240 -12.34 11.55 -5.49
N VAL A 241 -12.14 12.62 -4.73
CA VAL A 241 -11.52 13.84 -5.22
C VAL A 241 -10.20 13.96 -4.50
N GLY A 242 -9.12 13.53 -5.15
CA GLY A 242 -7.85 13.45 -4.43
C GLY A 242 -8.04 12.48 -3.26
N SER A 243 -7.75 12.96 -2.06
CA SER A 243 -8.00 12.22 -0.83
C SER A 243 -9.17 12.85 -0.06
N ALA A 244 -10.21 13.23 -0.78
CA ALA A 244 -11.39 13.83 -0.18
C ALA A 244 -12.62 13.19 -0.82
N ASN A 245 -13.72 13.18 -0.10
CA ASN A 245 -14.93 12.67 -0.73
C ASN A 245 -15.56 13.77 -1.60
N PHE A 246 -16.34 13.34 -2.60
CA PHE A 246 -17.12 14.22 -3.47
C PHE A 246 -18.53 14.37 -2.91
N PHE A 247 -19.08 15.60 -3.00
CA PHE A 247 -20.53 15.76 -2.95
C PHE A 247 -20.98 16.71 -4.04
N GLY A 248 -22.21 16.48 -4.48
CA GLY A 248 -22.89 17.41 -5.36
C GLY A 248 -24.24 17.84 -4.79
N ILE A 249 -24.65 19.04 -5.14
CA ILE A 249 -25.94 19.59 -4.81
C ILE A 249 -26.73 19.70 -6.12
N THR A 250 -27.81 18.93 -6.22
CA THR A 250 -28.60 18.94 -7.44
C THR A 250 -29.36 20.26 -7.57
N HIS A 251 -29.92 20.50 -8.77
CA HIS A 251 -30.75 21.70 -8.96
C HIS A 251 -31.98 21.68 -8.06
N ASP A 252 -32.50 20.49 -7.73
CA ASP A 252 -33.60 20.42 -6.78
C ASP A 252 -33.14 20.15 -5.36
N ASN A 253 -31.89 20.51 -5.03
CA ASN A 253 -31.44 20.71 -3.64
C ASN A 253 -31.32 19.39 -2.89
N LYS A 254 -30.88 18.36 -3.57
CA LYS A 254 -30.48 17.13 -2.92
C LYS A 254 -28.97 17.11 -2.75
N PHE A 255 -28.52 16.57 -1.61
CA PHE A 255 -27.11 16.34 -1.32
C PHE A 255 -26.74 14.91 -1.75
N VAL A 256 -25.88 14.79 -2.77
CA VAL A 256 -25.60 13.50 -3.39
C VAL A 256 -24.13 13.21 -3.18
N THR A 257 -23.83 11.97 -2.71
CA THR A 257 -22.44 11.60 -2.57
C THR A 257 -22.23 10.13 -2.95
N PRO A 258 -21.07 9.80 -3.55
CA PRO A 258 -20.82 8.40 -3.99
C PRO A 258 -20.90 7.38 -2.88
N ASN A 259 -21.46 6.21 -3.23
CA ASN A 259 -21.52 5.06 -2.37
C ASN A 259 -21.02 3.88 -3.20
N SER A 260 -19.96 3.24 -2.76
CA SER A 260 -19.46 2.05 -3.43
C SER A 260 -18.54 1.31 -2.45
N PRO A 261 -18.30 0.02 -2.67
CA PRO A 261 -17.41 -0.72 -1.76
C PRO A 261 -15.99 -0.18 -1.74
N SER A 262 -15.58 0.66 -2.71
CA SER A 262 -14.21 1.14 -2.75
C SER A 262 -14.05 2.59 -2.29
N VAL A 263 -15.15 3.28 -1.99
CA VAL A 263 -15.09 4.66 -1.51
C VAL A 263 -14.64 4.65 -0.06
N LEU A 264 -13.79 5.61 0.30
CA LEU A 264 -13.40 5.77 1.68
C LEU A 264 -14.54 6.45 2.44
N PRO A 265 -15.08 5.85 3.50
CA PRO A 265 -16.21 6.49 4.21
C PRO A 265 -15.75 7.61 5.12
N GLY A 266 -15.76 8.83 4.63
CA GLY A 266 -15.20 9.93 5.39
C GLY A 266 -16.11 10.35 6.54
N ILE A 267 -15.46 10.83 7.60
CA ILE A 267 -16.19 11.35 8.73
C ILE A 267 -16.74 12.75 8.43
N THR A 268 -16.05 13.55 7.61
CA THR A 268 -16.62 14.83 7.22
C THR A 268 -17.86 14.59 6.38
N ARG A 269 -17.79 13.66 5.43
CA ARG A 269 -18.96 13.33 4.63
C ARG A 269 -20.10 12.88 5.55
N LEU A 270 -19.81 11.97 6.51
CA LEU A 270 -20.87 11.52 7.42
C LEU A 270 -21.54 12.68 8.14
N SER A 271 -20.72 13.64 8.60
CA SER A 271 -21.20 14.81 9.36
C SER A 271 -22.06 15.71 8.49
N LEU A 272 -21.60 15.96 7.25
CA LEU A 272 -22.36 16.78 6.30
C LEU A 272 -23.71 16.14 5.99
N ILE A 273 -23.74 14.81 5.82
CA ILE A 273 -25.02 14.12 5.58
C ILE A 273 -25.98 14.38 6.73
N GLU A 274 -25.48 14.21 7.96
CA GLU A 274 -26.38 14.39 9.11
C GLU A 274 -26.84 15.82 9.26
N LEU A 275 -25.92 16.78 9.06
CA LEU A 275 -26.30 18.18 9.17
C LEU A 275 -27.19 18.60 8.01
N ALA A 276 -26.92 18.10 6.80
CA ALA A 276 -27.78 18.44 5.68
C ALA A 276 -29.19 17.98 5.96
N LYS A 277 -29.35 16.77 6.52
CA LYS A 277 -30.69 16.25 6.78
C LYS A 277 -31.36 16.96 7.95
N THR A 278 -30.64 17.20 9.05
CA THR A 278 -31.34 17.63 10.27
C THR A 278 -31.35 19.13 10.46
N ARG A 279 -30.45 19.85 9.83
CA ARG A 279 -30.38 21.28 10.00
C ARG A 279 -30.72 22.04 8.75
N LEU A 280 -30.40 21.50 7.58
CA LEU A 280 -30.66 22.21 6.35
C LEU A 280 -31.88 21.67 5.65
N GLY A 281 -32.51 20.62 6.18
CA GLY A 281 -33.74 20.12 5.59
C GLY A 281 -33.60 19.60 4.16
N MET A 282 -32.46 19.03 3.83
CA MET A 282 -32.18 18.54 2.48
C MET A 282 -32.27 17.01 2.51
N GLU A 283 -32.64 16.43 1.39
CA GLU A 283 -32.56 15.01 1.18
C GLU A 283 -31.13 14.65 0.82
N VAL A 284 -30.63 13.54 1.36
CA VAL A 284 -29.31 13.02 1.01
C VAL A 284 -29.56 11.79 0.15
N VAL A 285 -28.82 11.69 -0.93
CA VAL A 285 -28.72 10.48 -1.72
C VAL A 285 -27.28 9.95 -1.62
N GLU A 286 -27.10 8.71 -1.14
CA GLU A 286 -25.78 8.05 -1.21
C GLU A 286 -25.92 7.07 -2.35
N GLY A 287 -25.32 7.39 -3.46
CA GLY A 287 -25.59 6.59 -4.63
C GLY A 287 -24.58 6.86 -5.73
N ASP A 288 -25.00 6.82 -6.98
CA ASP A 288 -24.05 6.89 -8.08
C ASP A 288 -23.98 8.30 -8.60
N VAL A 289 -22.77 8.79 -8.79
CA VAL A 289 -22.55 10.10 -9.38
C VAL A 289 -21.94 9.84 -10.75
N PHE A 290 -22.77 9.80 -11.78
CA PHE A 290 -22.27 9.43 -13.10
C PHE A 290 -21.49 10.58 -13.75
N ILE A 291 -20.36 10.28 -14.39
CA ILE A 291 -19.50 11.37 -14.93
C ILE A 291 -20.15 12.05 -16.12
N ASP A 292 -21.09 11.38 -16.79
CA ASP A 292 -21.80 12.05 -17.86
C ASP A 292 -23.06 12.78 -17.39
N LYS A 293 -23.30 12.92 -16.06
CA LYS A 293 -24.47 13.62 -15.55
C LYS A 293 -24.06 14.78 -14.64
N LEU A 294 -22.90 15.37 -14.89
CA LEU A 294 -22.44 16.46 -14.04
C LEU A 294 -23.41 17.64 -14.08
N SER A 295 -24.18 17.77 -15.15
CA SER A 295 -25.16 18.85 -15.30
C SER A 295 -26.29 18.77 -14.30
N ASP A 296 -26.42 17.64 -13.61
CA ASP A 296 -27.43 17.49 -12.55
C ASP A 296 -27.15 18.39 -11.34
N PHE A 297 -25.91 18.86 -11.17
CA PHE A 297 -25.47 19.55 -9.97
C PHE A 297 -25.32 21.05 -10.23
N LYS A 298 -25.91 21.87 -9.36
CA LYS A 298 -25.60 23.29 -9.41
C LYS A 298 -24.35 23.63 -8.59
N GLU A 299 -23.96 22.73 -7.70
CA GLU A 299 -22.77 22.93 -6.87
C GLU A 299 -22.08 21.58 -6.69
N ALA A 300 -20.79 21.63 -6.41
CA ALA A 300 -20.04 20.42 -6.07
C ALA A 300 -18.89 20.80 -5.16
N GLY A 301 -18.43 19.83 -4.39
CA GLY A 301 -17.34 20.15 -3.48
C GLY A 301 -16.64 18.87 -3.09
N ALA A 302 -15.49 19.05 -2.42
CA ALA A 302 -14.72 17.95 -1.87
C ALA A 302 -14.59 18.13 -0.36
N CYS A 303 -14.88 17.09 0.41
CA CYS A 303 -14.88 17.25 1.86
C CYS A 303 -13.88 16.30 2.53
N GLY A 304 -13.28 16.78 3.61
CA GLY A 304 -12.33 15.97 4.38
C GLY A 304 -11.91 16.69 5.63
N THR A 305 -11.17 16.00 6.49
CA THR A 305 -10.92 16.59 7.82
C THR A 305 -10.13 17.89 7.74
N ALA A 306 -9.01 17.90 6.99
CA ALA A 306 -8.05 19.00 7.13
C ALA A 306 -8.60 20.32 6.62
N ALA A 307 -9.22 20.33 5.44
CA ALA A 307 -9.77 21.56 4.84
C ALA A 307 -11.28 21.73 5.09
N VAL A 308 -11.95 20.70 5.58
CA VAL A 308 -13.40 20.64 5.69
C VAL A 308 -14.05 20.51 4.32
N ILE A 309 -14.16 21.63 3.58
CA ILE A 309 -14.72 21.59 2.24
C ILE A 309 -13.84 22.45 1.32
N THR A 310 -13.50 21.90 0.17
CA THR A 310 -12.90 22.66 -0.94
C THR A 310 -13.93 22.69 -2.05
N PRO A 311 -14.43 23.85 -2.43
CA PRO A 311 -15.40 23.90 -3.52
C PRO A 311 -14.80 23.47 -4.82
N ILE A 312 -15.62 22.79 -5.62
CA ILE A 312 -15.22 22.40 -6.96
C ILE A 312 -15.76 23.43 -7.93
N GLY A 313 -14.84 24.16 -8.56
CA GLY A 313 -15.30 25.09 -9.59
C GLY A 313 -15.57 24.31 -10.85
N GLY A 314 -14.64 23.42 -11.22
CA GLY A 314 -14.75 22.69 -12.47
C GLY A 314 -14.08 21.32 -12.42
N ILE A 315 -14.58 20.42 -13.27
CA ILE A 315 -14.00 19.10 -13.46
C ILE A 315 -13.65 18.96 -14.92
N ASP A 316 -12.42 18.61 -15.21
CA ASP A 316 -12.00 18.37 -16.58
C ASP A 316 -12.10 16.89 -16.88
N TYR A 317 -12.81 16.57 -17.96
CA TYR A 317 -13.03 15.22 -18.42
C TYR A 317 -13.08 15.24 -19.94
N ASN A 318 -12.33 14.34 -20.56
CA ASN A 318 -12.23 14.27 -22.01
C ASN A 318 -11.90 15.64 -22.59
N ASP A 319 -10.94 16.31 -21.96
CA ASP A 319 -10.44 17.59 -22.43
C ASP A 319 -11.57 18.63 -22.59
N HIS A 320 -12.56 18.57 -21.70
CA HIS A 320 -13.56 19.63 -21.57
C HIS A 320 -13.77 19.93 -20.09
N LEU A 321 -13.83 21.23 -19.76
CA LEU A 321 -14.00 21.66 -18.37
C LEU A 321 -15.48 21.88 -18.07
N HIS A 322 -16.06 21.10 -17.17
CA HIS A 322 -17.43 21.30 -16.74
C HIS A 322 -17.43 22.20 -15.52
N VAL A 323 -18.12 23.35 -15.62
CA VAL A 323 -18.21 24.31 -14.51
C VAL A 323 -19.53 24.19 -13.78
N PHE A 324 -19.48 24.05 -12.45
CA PHE A 324 -20.74 23.84 -11.74
C PHE A 324 -21.49 25.12 -11.41
N HIS A 325 -20.95 25.91 -10.50
CA HIS A 325 -21.55 27.15 -10.04
C HIS A 325 -20.78 28.35 -10.56
N SER A 326 -19.48 28.35 -10.33
CA SER A 326 -18.60 29.46 -10.68
C SER A 326 -17.17 29.02 -10.45
N GLU A 327 -16.25 29.55 -11.26
CA GLU A 327 -14.83 29.31 -11.00
C GLU A 327 -14.25 30.24 -9.93
N THR A 328 -14.97 31.29 -9.54
CA THR A 328 -14.45 32.26 -8.62
C THR A 328 -15.29 32.47 -7.38
N GLU A 329 -16.49 31.90 -7.30
CA GLU A 329 -17.30 32.07 -6.10
C GLU A 329 -17.89 30.72 -5.71
N VAL A 330 -17.92 30.46 -4.40
CA VAL A 330 -18.57 29.28 -3.82
C VAL A 330 -20.09 29.45 -3.82
N GLY A 331 -20.82 28.35 -4.05
CA GLY A 331 -22.26 28.36 -4.05
C GLY A 331 -22.89 28.48 -2.66
N PRO A 332 -24.13 28.94 -2.60
CA PRO A 332 -24.72 29.22 -1.28
C PRO A 332 -24.98 28.00 -0.43
N VAL A 333 -25.35 26.87 -1.04
CA VAL A 333 -25.60 25.68 -0.25
C VAL A 333 -24.30 25.18 0.34
N THR A 334 -23.21 25.16 -0.45
CA THR A 334 -21.92 24.84 0.13
C THR A 334 -21.61 25.77 1.28
N GLN A 335 -21.96 27.08 1.15
CA GLN A 335 -21.70 28.01 2.25
C GLN A 335 -22.47 27.61 3.49
N LYS A 336 -23.75 27.22 3.33
CA LYS A 336 -24.54 26.85 4.51
C LYS A 336 -23.97 25.60 5.16
N LEU A 337 -23.55 24.63 4.34
CA LEU A 337 -22.94 23.39 4.88
C LEU A 337 -21.64 23.69 5.65
N TYR A 338 -20.77 24.52 5.07
CA TYR A 338 -19.52 24.87 5.75
C TYR A 338 -19.77 25.63 7.04
N LYS A 339 -20.71 26.59 7.00
CA LYS A 339 -21.04 27.33 8.20
C LYS A 339 -21.46 26.38 9.29
N GLU A 340 -22.37 25.46 8.95
CA GLU A 340 -22.95 24.59 9.98
C GLU A 340 -21.89 23.65 10.56
N LEU A 341 -21.10 22.99 9.70
CA LEU A 341 -20.12 22.04 10.22
C LEU A 341 -18.99 22.73 11.01
N THR A 342 -18.37 23.79 10.46
CA THR A 342 -17.31 24.46 11.21
C THR A 342 -17.86 25.10 12.48
N GLY A 343 -19.12 25.58 12.45
CA GLY A 343 -19.70 26.15 13.66
C GLY A 343 -19.88 25.12 14.74
N VAL A 344 -20.27 23.90 14.35
CA VAL A 344 -20.36 22.83 15.33
C VAL A 344 -18.98 22.48 15.89
N GLN A 345 -17.97 22.44 15.02
CA GLN A 345 -16.62 22.06 15.45
C GLN A 345 -16.06 23.02 16.50
N THR A 346 -16.28 24.33 16.33
CA THR A 346 -15.68 25.30 17.23
C THR A 346 -16.57 25.65 18.40
N GLY A 347 -17.78 25.11 18.45
CA GLY A 347 -18.69 25.38 19.54
C GLY A 347 -19.52 26.62 19.35
N ASP A 348 -19.45 27.27 18.19
CA ASP A 348 -20.30 28.42 17.91
C ASP A 348 -21.73 28.02 17.61
N ILE A 349 -21.94 26.74 17.28
CA ILE A 349 -23.25 26.18 17.00
C ILE A 349 -23.41 24.92 17.83
N GLU A 350 -24.57 24.75 18.44
CA GLU A 350 -24.81 23.56 19.24
C GLU A 350 -24.59 22.29 18.42
N ALA A 351 -23.92 21.33 19.05
CA ALA A 351 -23.59 20.14 18.30
C ALA A 351 -24.70 19.10 18.41
N PRO A 352 -24.80 18.21 17.43
CA PRO A 352 -25.60 16.99 17.64
C PRO A 352 -25.05 16.18 18.81
N ALA A 353 -25.93 15.37 19.36
CA ALA A 353 -25.63 14.55 20.54
C ALA A 353 -24.47 13.61 20.28
N GLY A 354 -23.47 13.65 21.17
CA GLY A 354 -22.32 12.77 21.17
C GLY A 354 -21.17 13.15 20.24
N TRP A 355 -21.32 14.21 19.44
CA TRP A 355 -20.31 14.51 18.43
C TRP A 355 -19.04 15.08 19.07
N ILE A 356 -19.18 15.86 20.11
CA ILE A 356 -18.06 16.60 20.69
C ILE A 356 -17.61 15.94 21.97
N VAL A 357 -16.30 15.67 22.09
CA VAL A 357 -15.69 15.29 23.36
C VAL A 357 -14.98 16.52 23.90
N LYS A 358 -15.35 16.96 25.11
CA LYS A 358 -14.64 18.06 25.76
C LYS A 358 -13.35 17.53 26.39
N VAL A 359 -12.25 18.25 26.17
CA VAL A 359 -10.96 17.82 26.70
C VAL A 359 -10.57 18.64 27.92
N ILE B 26 24.67 -23.30 12.20
CA ILE B 26 23.50 -23.19 11.30
C ILE B 26 23.19 -24.52 10.59
N ASN B 27 21.99 -25.07 10.83
CA ASN B 27 21.54 -26.32 10.20
C ASN B 27 20.99 -25.97 8.82
N TRP B 28 21.81 -26.18 7.79
CA TRP B 28 21.45 -25.67 6.48
C TRP B 28 20.19 -26.32 5.91
N ASP B 29 19.98 -27.60 6.24
CA ASP B 29 18.84 -28.29 5.67
C ASP B 29 17.52 -27.85 6.30
N LYS B 30 17.53 -27.47 7.56
CA LYS B 30 16.25 -27.12 8.15
C LYS B 30 15.89 -25.65 7.92
N LEU B 31 16.64 -24.96 7.06
CA LEU B 31 16.37 -23.56 6.74
C LEU B 31 15.07 -23.44 5.96
N GLY B 32 14.28 -22.43 6.27
CA GLY B 32 13.12 -22.14 5.47
C GLY B 32 13.32 -20.76 4.84
N PHE B 33 12.29 -19.92 4.94
CA PHE B 33 12.27 -18.53 4.45
C PHE B 33 11.84 -17.69 5.65
N ASP B 34 12.79 -17.42 6.54
CA ASP B 34 12.50 -16.79 7.81
C ASP B 34 13.56 -15.74 8.07
N TYR B 35 13.17 -14.64 8.72
CA TYR B 35 14.14 -13.62 9.04
C TYR B 35 15.13 -14.15 10.05
N ILE B 36 16.42 -14.00 9.73
CA ILE B 36 17.53 -14.24 10.64
C ILE B 36 18.47 -13.03 10.53
N LYS B 37 19.00 -12.55 11.64
CA LYS B 37 19.86 -11.35 11.60
C LYS B 37 21.28 -11.74 11.18
N THR B 38 21.68 -11.27 10.01
CA THR B 38 23.01 -11.45 9.49
C THR B 38 23.89 -10.29 9.97
N ASP B 39 25.15 -10.32 9.58
CA ASP B 39 26.18 -9.47 10.18
C ASP B 39 26.09 -8.02 9.74
N LYS B 40 26.01 -7.76 8.44
CA LYS B 40 26.02 -6.38 7.92
C LYS B 40 24.93 -6.19 6.89
N ARG B 41 24.41 -4.98 6.83
CA ARG B 41 23.49 -4.62 5.77
C ARG B 41 23.96 -3.31 5.15
N TYR B 42 23.52 -3.09 3.92
CA TYR B 42 23.77 -1.82 3.23
C TYR B 42 22.73 -0.76 3.59
N LEU B 43 23.21 0.48 3.74
CA LEU B 43 22.35 1.58 4.10
C LEU B 43 22.81 2.85 3.37
N SER B 44 21.90 3.50 2.65
CA SER B 44 22.27 4.69 1.90
C SER B 44 21.12 5.70 1.97
N TYR B 45 21.42 6.99 2.19
CA TYR B 45 20.38 8.01 2.31
C TYR B 45 20.30 8.88 1.05
N PHE B 46 19.09 9.23 0.63
CA PHE B 46 18.92 10.23 -0.41
C PHE B 46 18.50 11.52 0.26
N ARG B 47 19.33 12.57 0.09
CA ARG B 47 19.10 13.90 0.63
C ARG B 47 19.62 14.92 -0.37
N ASN B 48 18.92 16.06 -0.46
CA ASN B 48 19.40 17.17 -1.27
C ASN B 48 19.73 16.74 -2.70
N GLY B 49 18.88 15.89 -3.27
CA GLY B 49 18.99 15.50 -4.66
C GLY B 49 19.99 14.42 -4.97
N GLU B 50 20.55 13.74 -3.97
CA GLU B 50 21.58 12.77 -4.27
C GLU B 50 21.60 11.65 -3.25
N TRP B 51 22.02 10.47 -3.72
CA TRP B 51 22.37 9.36 -2.84
C TRP B 51 23.74 9.58 -2.25
N ASP B 52 23.89 9.23 -0.98
CA ASP B 52 25.21 9.24 -0.40
C ASP B 52 26.00 8.05 -0.92
N LYS B 53 27.21 7.86 -0.40
CA LYS B 53 27.99 6.78 -0.96
C LYS B 53 27.62 5.44 -0.36
N GLY B 54 26.76 5.41 0.64
CA GLY B 54 26.35 4.16 1.22
C GLY B 54 27.40 3.62 2.17
N THR B 55 26.95 2.77 3.08
CA THR B 55 27.81 2.18 4.09
C THR B 55 27.28 0.79 4.43
N LEU B 56 28.13 -0.03 5.04
CA LEU B 56 27.67 -1.29 5.62
C LEU B 56 27.59 -1.12 7.12
N THR B 57 26.44 -1.47 7.71
CA THR B 57 26.22 -1.25 9.13
C THR B 57 25.75 -2.55 9.77
N GLU B 58 26.01 -2.70 11.07
CA GLU B 58 25.53 -3.85 11.83
C GLU B 58 24.14 -3.67 12.42
N ASP B 59 23.58 -2.47 12.35
CA ASP B 59 22.33 -2.15 13.01
C ASP B 59 21.16 -2.59 12.15
N ASN B 60 20.36 -3.55 12.63
CA ASN B 60 19.17 -3.96 11.89
C ASN B 60 17.91 -3.23 12.35
N VAL B 61 18.05 -2.13 13.10
CA VAL B 61 16.93 -1.26 13.48
C VAL B 61 17.06 0.03 12.67
N LEU B 62 15.98 0.41 11.99
CA LEU B 62 15.90 1.66 11.24
C LEU B 62 15.36 2.73 12.18
N HIS B 63 15.87 3.94 12.05
CA HIS B 63 15.51 5.02 12.95
C HIS B 63 14.93 6.14 12.09
N ILE B 64 13.62 6.20 11.97
CA ILE B 64 12.99 7.03 10.95
C ILE B 64 11.89 7.86 11.57
N SER B 65 11.63 9.00 10.95
CA SER B 65 10.64 9.92 11.51
C SER B 65 9.29 9.26 11.69
N GLU B 66 8.57 9.68 12.75
CA GLU B 66 7.18 9.27 12.92
C GLU B 66 6.33 9.73 11.73
N GLY B 67 6.76 10.77 11.02
CA GLY B 67 6.01 11.22 9.88
C GLY B 67 6.50 10.65 8.57
N SER B 68 7.19 9.50 8.56
CA SER B 68 7.75 8.96 7.32
C SER B 68 6.65 8.61 6.33
N THR B 69 6.78 9.05 5.06
CA THR B 69 5.76 8.65 4.11
C THR B 69 5.72 7.14 3.93
N ALA B 70 6.83 6.44 4.18
CA ALA B 70 6.80 5.00 4.04
C ALA B 70 5.84 4.37 5.03
N LEU B 71 5.57 5.05 6.14
CA LEU B 71 4.72 4.53 7.22
C LEU B 71 3.29 5.06 7.16
N HIS B 72 3.06 6.17 6.47
CA HIS B 72 1.73 6.75 6.40
C HIS B 72 1.10 6.62 5.03
N TYR B 73 1.88 6.76 3.96
CA TYR B 73 1.33 6.84 2.61
C TYR B 73 1.91 5.76 1.71
N GLY B 74 2.39 4.65 2.30
CA GLY B 74 2.74 3.53 1.46
C GLY B 74 3.90 3.76 0.53
N GLN B 75 4.78 4.76 0.81
CA GLN B 75 5.83 5.08 -0.17
C GLN B 75 7.02 4.16 0.08
N GLN B 76 6.97 2.99 -0.54
CA GLN B 76 7.90 1.90 -0.25
C GLN B 76 7.89 0.95 -1.42
N CYS B 77 9.04 0.34 -1.66
CA CYS B 77 9.15 -0.72 -2.67
C CYS B 77 10.29 -1.66 -2.28
N PHE B 78 10.23 -2.89 -2.81
CA PHE B 78 11.33 -3.79 -2.49
C PHE B 78 11.64 -4.74 -3.64
N GLU B 79 12.78 -5.43 -3.51
CA GLU B 79 13.22 -6.44 -4.46
C GLU B 79 13.59 -7.72 -3.71
N GLY B 80 13.86 -8.77 -4.47
CA GLY B 80 14.27 -10.05 -3.86
C GLY B 80 15.14 -10.79 -4.86
N MET B 81 16.33 -11.22 -4.44
CA MET B 81 17.21 -11.99 -5.33
C MET B 81 18.05 -12.96 -4.49
N LYS B 82 18.65 -13.95 -5.15
CA LYS B 82 19.45 -14.93 -4.40
C LYS B 82 20.90 -15.02 -4.90
N ALA B 83 21.80 -15.36 -3.97
CA ALA B 83 23.16 -15.78 -4.31
C ALA B 83 23.29 -17.23 -3.89
N TYR B 84 24.02 -17.99 -4.70
CA TYR B 84 24.19 -19.44 -4.56
C TYR B 84 25.67 -19.81 -4.53
N ARG B 85 26.05 -20.75 -3.65
CA ARG B 85 27.39 -21.33 -3.72
C ARG B 85 27.44 -22.35 -4.86
N CYS B 86 28.41 -22.17 -5.75
CA CYS B 86 28.59 -23.14 -6.82
C CYS B 86 29.43 -24.35 -6.35
N LYS B 87 29.30 -25.45 -7.08
CA LYS B 87 30.10 -26.63 -6.72
C LYS B 87 31.58 -26.33 -6.77
N ASP B 88 31.99 -25.43 -7.65
CA ASP B 88 33.41 -25.12 -7.73
C ASP B 88 33.83 -24.10 -6.66
N GLY B 89 32.91 -23.72 -5.78
CA GLY B 89 33.22 -22.85 -4.66
C GLY B 89 32.99 -21.39 -4.93
N SER B 90 32.75 -21.00 -6.17
CA SER B 90 32.46 -19.59 -6.45
C SER B 90 31.03 -19.29 -6.02
N ILE B 91 30.60 -18.03 -6.18
CA ILE B 91 29.30 -17.54 -5.74
C ILE B 91 28.55 -16.90 -6.91
N ASN B 92 27.33 -17.39 -7.20
CA ASN B 92 26.50 -16.86 -8.28
C ASN B 92 25.46 -15.92 -7.70
N LEU B 93 25.45 -14.66 -8.08
CA LEU B 93 24.33 -13.79 -7.79
C LEU B 93 23.43 -13.76 -9.03
N PHE B 94 22.15 -14.13 -8.88
CA PHE B 94 21.30 -14.42 -10.06
C PHE B 94 20.54 -13.16 -10.54
N ARG B 95 20.88 -12.68 -11.77
CA ARG B 95 20.15 -11.63 -12.51
C ARG B 95 19.88 -10.37 -11.70
N PRO B 96 20.85 -9.86 -10.93
CA PRO B 96 20.56 -8.66 -10.15
C PRO B 96 20.27 -7.42 -11.00
N ASP B 97 20.78 -7.37 -12.23
CA ASP B 97 20.42 -6.30 -13.13
C ASP B 97 18.92 -6.23 -13.35
N GLN B 98 18.24 -7.39 -13.42
CA GLN B 98 16.77 -7.35 -13.61
C GLN B 98 16.06 -6.78 -12.39
N ASN B 99 16.55 -7.09 -11.18
CA ASN B 99 16.02 -6.45 -10.00
C ASN B 99 16.22 -4.96 -10.04
N ALA B 100 17.41 -4.52 -10.46
CA ALA B 100 17.67 -3.08 -10.55
C ALA B 100 16.67 -2.40 -11.48
N LEU B 101 16.42 -3.01 -12.64
CA LEU B 101 15.50 -2.40 -13.61
C LEU B 101 14.09 -2.31 -13.02
N ARG B 102 13.64 -3.40 -12.40
CA ARG B 102 12.31 -3.39 -11.85
C ARG B 102 12.19 -2.38 -10.72
N MET B 103 13.21 -2.28 -9.88
CA MET B 103 13.08 -1.33 -8.80
C MET B 103 13.10 0.09 -9.33
N GLN B 104 13.84 0.36 -10.41
CA GLN B 104 13.75 1.69 -11.02
C GLN B 104 12.31 1.99 -11.42
N ARG B 105 11.60 0.99 -11.97
CA ARG B 105 10.23 1.26 -12.35
C ARG B 105 9.33 1.42 -11.11
N SER B 106 9.53 0.62 -10.04
CA SER B 106 8.67 0.78 -8.85
C SER B 106 8.89 2.14 -8.18
N CYS B 107 10.16 2.54 -8.09
CA CYS B 107 10.50 3.87 -7.58
C CYS B 107 9.82 4.93 -8.40
N ALA B 108 9.87 4.81 -9.73
CA ALA B 108 9.29 5.88 -10.54
C ALA B 108 7.79 5.96 -10.33
N ARG B 109 7.15 4.80 -10.19
CA ARG B 109 5.70 4.81 -10.02
C ARG B 109 5.29 5.48 -8.72
N LEU B 110 6.14 5.41 -7.69
CA LEU B 110 5.83 6.03 -6.40
C LEU B 110 6.54 7.40 -6.20
N LEU B 111 7.10 7.97 -7.26
CA LEU B 111 7.83 9.23 -7.20
C LEU B 111 9.06 9.19 -6.26
N MET B 112 9.74 8.07 -6.13
CA MET B 112 10.99 7.94 -5.37
C MET B 112 12.21 7.96 -6.28
N PRO B 113 13.34 8.47 -5.77
CA PRO B 113 14.57 8.52 -6.60
C PRO B 113 14.98 7.11 -6.94
N GLN B 114 15.55 6.97 -8.13
CA GLN B 114 15.95 5.66 -8.60
C GLN B 114 17.41 5.41 -8.21
N VAL B 115 17.72 4.14 -8.02
CA VAL B 115 19.08 3.67 -7.80
C VAL B 115 19.54 3.13 -9.15
N ASP B 116 20.61 3.73 -9.70
CA ASP B 116 21.10 3.29 -11.00
C ASP B 116 21.68 1.87 -10.89
N THR B 117 21.72 1.21 -12.05
CA THR B 117 21.97 -0.22 -12.07
C THR B 117 23.34 -0.59 -11.52
N GLU B 118 24.38 0.18 -11.84
CA GLU B 118 25.71 -0.24 -11.37
C GLU B 118 25.83 -0.02 -9.87
N GLN B 119 25.25 1.09 -9.34
CA GLN B 119 25.17 1.30 -7.90
C GLN B 119 24.41 0.16 -7.22
N PHE B 120 23.26 -0.23 -7.79
CA PHE B 120 22.44 -1.28 -7.22
C PHE B 120 23.22 -2.59 -7.14
N ILE B 121 23.82 -3.00 -8.26
CA ILE B 121 24.48 -4.31 -8.30
C ILE B 121 25.68 -4.33 -7.38
N GLU B 122 26.47 -3.23 -7.36
CA GLU B 122 27.63 -3.14 -6.47
C GLU B 122 27.21 -3.22 -5.00
N ALA B 123 26.10 -2.59 -4.63
CA ALA B 123 25.62 -2.69 -3.26
C ALA B 123 25.26 -4.13 -2.92
N CYS B 124 24.59 -4.80 -3.85
CA CYS B 124 24.22 -6.20 -3.60
C CYS B 124 25.45 -7.05 -3.41
N LYS B 125 26.44 -6.87 -4.29
CA LYS B 125 27.69 -7.64 -4.19
C LYS B 125 28.40 -7.38 -2.87
N ALA B 126 28.42 -6.13 -2.42
CA ALA B 126 29.07 -5.83 -1.13
C ALA B 126 28.36 -6.52 0.02
N VAL B 127 27.02 -6.57 -0.02
CA VAL B 127 26.29 -7.29 1.03
C VAL B 127 26.60 -8.79 1.02
N VAL B 128 26.65 -9.39 -0.19
CA VAL B 128 27.05 -10.80 -0.25
C VAL B 128 28.47 -10.97 0.31
N ARG B 129 29.41 -10.11 -0.11
CA ARG B 129 30.78 -10.28 0.37
C ARG B 129 30.87 -10.19 1.89
N ALA B 130 30.09 -9.30 2.48
CA ALA B 130 30.15 -9.06 3.92
C ALA B 130 29.49 -10.14 4.74
N ASN B 131 28.71 -10.98 4.09
CA ASN B 131 27.98 -12.02 4.82
C ASN B 131 28.27 -13.41 4.26
N GLU B 132 29.42 -13.62 3.61
CA GLU B 132 29.68 -14.94 3.01
C GLU B 132 29.52 -16.10 3.98
N ARG B 133 29.74 -15.91 5.27
CA ARG B 133 29.61 -17.08 6.15
C ARG B 133 28.18 -17.58 6.26
N PHE B 134 27.21 -16.78 5.86
CA PHE B 134 25.84 -17.23 5.85
C PHE B 134 25.45 -17.90 4.54
N ILE B 135 26.37 -18.09 3.60
CA ILE B 135 25.94 -18.70 2.34
C ILE B 135 25.84 -20.22 2.53
N PRO B 136 24.68 -20.86 2.36
CA PRO B 136 24.62 -22.33 2.53
C PRO B 136 25.51 -23.03 1.52
N PRO B 137 26.20 -24.10 1.93
CA PRO B 137 27.13 -24.78 1.00
C PRO B 137 26.40 -25.37 -0.20
N TYR B 138 27.16 -25.59 -1.28
CA TYR B 138 26.62 -26.28 -2.43
C TYR B 138 26.10 -27.66 -2.01
N GLY B 139 24.96 -28.04 -2.56
CA GLY B 139 24.36 -29.32 -2.28
C GLY B 139 23.34 -29.30 -1.17
N THR B 140 23.21 -28.19 -0.48
CA THR B 140 22.18 -28.13 0.55
C THR B 140 20.85 -27.64 -0.01
N GLY B 141 20.83 -27.13 -1.25
CA GLY B 141 19.65 -26.47 -1.78
C GLY B 141 19.40 -25.09 -1.23
N GLY B 142 20.31 -24.59 -0.42
CA GLY B 142 20.14 -23.30 0.23
C GLY B 142 20.65 -22.16 -0.61
N ALA B 143 20.41 -20.95 -0.15
CA ALA B 143 20.85 -19.75 -0.87
C ALA B 143 20.94 -18.61 0.12
N LEU B 144 21.57 -17.53 -0.31
CA LEU B 144 21.54 -16.29 0.46
C LEU B 144 20.55 -15.32 -0.20
N TYR B 145 19.48 -14.99 0.49
CA TYR B 145 18.47 -14.11 -0.07
C TYR B 145 18.81 -12.69 0.29
N LEU B 146 18.72 -11.80 -0.70
CA LEU B 146 18.92 -10.37 -0.52
C LEU B 146 17.58 -9.67 -0.70
N ARG B 147 17.29 -8.73 0.22
CA ARG B 147 16.10 -7.87 0.26
C ARG B 147 16.53 -6.40 0.16
N PRO B 148 16.68 -5.86 -1.05
CA PRO B 148 16.80 -4.39 -1.20
C PRO B 148 15.44 -3.76 -1.08
N PHE B 149 15.43 -2.49 -0.61
CA PHE B 149 14.18 -1.75 -0.53
C PHE B 149 14.50 -0.26 -0.43
N VAL B 150 13.56 0.53 -0.91
CA VAL B 150 13.65 1.98 -0.87
C VAL B 150 12.38 2.48 -0.16
N ILE B 151 12.56 3.42 0.79
CA ILE B 151 11.43 3.89 1.60
C ILE B 151 11.52 5.40 1.79
N GLY B 152 10.35 6.07 1.82
CA GLY B 152 10.28 7.52 2.07
C GLY B 152 10.36 7.81 3.56
N VAL B 153 11.26 8.70 3.95
CA VAL B 153 11.52 9.01 5.35
C VAL B 153 11.68 10.52 5.51
N GLY B 154 11.94 10.92 6.76
CA GLY B 154 12.00 12.32 7.13
C GLY B 154 10.64 12.82 7.60
N ASP B 155 10.66 13.94 8.33
CA ASP B 155 9.44 14.56 8.82
C ASP B 155 8.52 15.01 7.68
N ASN B 156 7.26 14.61 7.76
CA ASN B 156 6.26 15.01 6.78
C ASN B 156 4.85 14.83 7.32
N ILE B 157 3.93 15.62 6.78
CA ILE B 157 2.50 15.31 6.85
C ILE B 157 1.85 15.78 5.56
N GLY B 158 0.83 15.04 5.11
CA GLY B 158 0.14 15.38 3.87
C GLY B 158 0.69 14.59 2.72
N VAL B 159 -0.19 14.01 1.90
CA VAL B 159 0.30 13.04 0.94
C VAL B 159 1.12 13.76 -0.14
N ARG B 160 2.40 13.41 -0.24
CA ARG B 160 3.36 13.94 -1.23
C ARG B 160 4.58 13.04 -1.19
N THR B 161 5.49 13.24 -2.14
CA THR B 161 6.71 12.44 -2.09
C THR B 161 7.58 12.92 -0.92
N ALA B 162 8.30 11.98 -0.30
CA ALA B 162 9.01 12.33 0.93
C ALA B 162 10.16 13.29 0.67
N PRO B 163 10.62 14.03 1.71
CA PRO B 163 11.83 14.85 1.53
C PRO B 163 13.14 14.07 1.57
N GLU B 164 13.17 12.86 2.18
CA GLU B 164 14.38 12.06 2.23
C GLU B 164 14.00 10.61 1.94
N PHE B 165 14.99 9.79 1.54
CA PHE B 165 14.71 8.38 1.29
C PHE B 165 15.86 7.51 1.82
N ILE B 166 15.56 6.26 2.12
CA ILE B 166 16.55 5.26 2.50
C ILE B 166 16.53 4.15 1.46
N PHE B 167 17.73 3.75 0.99
CA PHE B 167 17.91 2.54 0.17
C PHE B 167 18.73 1.58 1.04
N SER B 168 18.18 0.41 1.33
CA SER B 168 18.92 -0.50 2.19
C SER B 168 18.80 -1.93 1.61
N ILE B 169 19.76 -2.76 1.97
CA ILE B 169 19.71 -4.16 1.54
C ILE B 169 20.15 -5.00 2.73
N PHE B 170 19.29 -5.91 3.19
CA PHE B 170 19.76 -6.91 4.14
C PHE B 170 19.68 -8.28 3.48
N CYS B 171 20.31 -9.28 4.10
CA CYS B 171 20.29 -10.64 3.56
C CYS B 171 19.94 -11.62 4.67
N ILE B 172 19.51 -12.79 4.25
CA ILE B 172 19.18 -13.91 5.18
C ILE B 172 19.52 -15.22 4.49
N PRO B 173 20.04 -16.22 5.22
CA PRO B 173 20.18 -17.54 4.63
C PRO B 173 18.79 -18.17 4.51
N VAL B 174 18.54 -18.86 3.39
CA VAL B 174 17.22 -19.46 3.16
C VAL B 174 17.43 -20.87 2.62
N GLY B 175 16.44 -21.72 2.86
CA GLY B 175 16.48 -23.05 2.31
C GLY B 175 15.35 -23.21 1.34
N ALA B 176 14.81 -24.43 1.27
CA ALA B 176 13.64 -24.68 0.44
C ALA B 176 12.47 -23.95 1.04
N TYR B 177 11.65 -23.34 0.19
CA TYR B 177 10.49 -22.61 0.72
C TYR B 177 9.49 -23.59 1.32
N PHE B 178 9.16 -24.66 0.59
CA PHE B 178 8.44 -25.81 1.14
C PHE B 178 9.45 -26.91 1.43
N LYS B 179 9.31 -27.57 2.58
CA LYS B 179 10.19 -28.70 2.81
C LYS B 179 9.59 -29.97 2.22
N GLY B 180 10.45 -30.91 1.83
CA GLY B 180 10.04 -32.12 1.15
C GLY B 180 10.34 -32.13 -0.34
N GLY B 181 10.78 -31.00 -0.88
CA GLY B 181 11.06 -30.83 -2.29
C GLY B 181 9.85 -30.36 -3.08
N LEU B 182 9.80 -30.76 -4.36
CA LEU B 182 8.75 -30.35 -5.29
C LEU B 182 7.57 -31.27 -5.12
N THR B 183 6.44 -30.69 -4.76
CA THR B 183 5.23 -31.46 -4.53
C THR B 183 4.08 -30.58 -4.95
N PRO B 184 2.95 -31.14 -5.34
CA PRO B 184 1.80 -30.28 -5.69
C PRO B 184 1.11 -29.67 -4.48
N HIS B 185 0.60 -28.45 -4.67
CA HIS B 185 -0.14 -27.73 -3.65
C HIS B 185 -1.43 -27.27 -4.27
N ASN B 186 -2.47 -27.13 -3.43
CA ASN B 186 -3.78 -26.65 -3.87
C ASN B 186 -3.94 -25.17 -3.52
N PHE B 187 -4.59 -24.43 -4.43
CA PHE B 187 -4.84 -22.99 -4.24
C PHE B 187 -6.30 -22.70 -4.47
N GLN B 188 -6.80 -21.55 -3.97
CA GLN B 188 -8.22 -21.20 -4.03
C GLN B 188 -8.42 -19.85 -4.73
N ILE B 189 -9.32 -19.79 -5.69
CA ILE B 189 -9.64 -18.47 -6.29
C ILE B 189 -10.19 -17.54 -5.23
N SER B 190 -9.74 -16.28 -5.24
CA SER B 190 -10.24 -15.29 -4.29
C SER B 190 -11.21 -14.33 -4.97
N SER B 191 -12.15 -13.83 -4.19
CA SER B 191 -13.05 -12.78 -4.68
C SER B 191 -12.46 -11.41 -4.49
N TYR B 192 -11.32 -11.32 -3.81
CA TYR B 192 -10.73 -10.02 -3.53
C TYR B 192 -9.68 -9.67 -4.56
N ASP B 193 -9.21 -8.40 -4.55
CA ASP B 193 -8.19 -7.95 -5.52
C ASP B 193 -6.88 -7.56 -4.85
N ARG B 194 -5.75 -8.01 -5.38
CA ARG B 194 -4.47 -7.47 -4.91
C ARG B 194 -4.18 -6.12 -5.53
N ALA B 195 -4.75 -5.83 -6.70
CA ALA B 195 -4.38 -4.58 -7.37
C ALA B 195 -5.54 -4.14 -8.24
N ALA B 196 -5.57 -2.84 -8.54
CA ALA B 196 -6.61 -2.26 -9.40
C ALA B 196 -6.26 -2.46 -10.87
N PRO B 197 -7.22 -2.30 -11.78
CA PRO B 197 -6.88 -2.44 -13.20
C PRO B 197 -5.80 -1.46 -13.65
N GLN B 198 -5.80 -0.22 -13.17
CA GLN B 198 -4.78 0.79 -13.50
C GLN B 198 -4.17 1.30 -12.20
N GLY B 199 -3.77 0.35 -11.35
CA GLY B 199 -3.17 0.63 -10.08
C GLY B 199 -1.68 0.31 -10.13
N THR B 200 -1.19 -0.16 -8.99
CA THR B 200 0.23 -0.35 -8.80
C THR B 200 0.64 -1.83 -8.90
N GLY B 201 -0.20 -2.67 -9.54
CA GLY B 201 0.04 -4.11 -9.56
C GLY B 201 1.32 -4.55 -10.28
N ALA B 202 1.82 -3.73 -11.22
CA ALA B 202 3.03 -4.05 -11.94
C ALA B 202 4.28 -3.52 -11.26
N ALA B 203 4.14 -2.81 -10.15
CA ALA B 203 5.26 -2.36 -9.33
C ALA B 203 5.37 -3.23 -8.08
N LYS B 204 6.60 -3.49 -7.61
CA LYS B 204 6.74 -4.33 -6.43
C LYS B 204 6.72 -3.41 -5.21
N VAL B 205 5.50 -3.02 -4.81
CA VAL B 205 5.34 -2.03 -3.77
C VAL B 205 4.43 -2.60 -2.67
N GLY B 206 4.58 -2.03 -1.46
CA GLY B 206 3.95 -2.62 -0.28
C GLY B 206 2.43 -2.62 -0.30
N GLY B 207 1.81 -1.65 -0.94
CA GLY B 207 0.36 -1.63 -0.93
C GLY B 207 -0.30 -2.84 -1.59
N ASN B 208 0.34 -3.43 -2.61
CA ASN B 208 -0.21 -4.64 -3.26
C ASN B 208 -0.25 -5.81 -2.28
N TYR B 209 0.85 -5.92 -1.49
CA TYR B 209 0.90 -6.96 -0.47
C TYR B 209 -0.13 -6.72 0.64
N ALA B 210 -0.30 -5.47 1.06
CA ALA B 210 -1.29 -5.22 2.11
C ALA B 210 -2.67 -5.66 1.67
N ALA B 211 -2.99 -5.41 0.42
CA ALA B 211 -4.25 -5.87 -0.12
C ALA B 211 -4.35 -7.38 -0.16
N SER B 212 -3.22 -8.08 -0.21
CA SER B 212 -3.23 -9.55 -0.22
C SER B 212 -3.34 -10.16 1.18
N LEU B 213 -3.16 -9.40 2.27
CA LEU B 213 -3.10 -10.02 3.62
C LEU B 213 -4.36 -10.75 3.98
N MET B 214 -5.50 -10.04 3.94
CA MET B 214 -6.75 -10.71 4.31
C MET B 214 -7.14 -11.82 3.33
N PRO B 215 -7.07 -11.62 2.00
CA PRO B 215 -7.43 -12.73 1.07
C PRO B 215 -6.55 -13.95 1.22
N GLY B 216 -5.25 -13.70 1.43
CA GLY B 216 -4.33 -14.81 1.64
C GLY B 216 -4.67 -15.54 2.90
N SER B 217 -5.03 -14.79 3.95
CA SER B 217 -5.38 -15.38 5.23
C SER B 217 -6.64 -16.23 5.12
N LYS B 218 -7.61 -15.75 4.33
CA LYS B 218 -8.87 -16.46 4.14
C LYS B 218 -8.66 -17.76 3.36
N ALA B 219 -7.81 -17.74 2.33
CA ALA B 219 -7.48 -18.99 1.64
C ALA B 219 -6.75 -19.96 2.56
N LYS B 220 -5.82 -19.48 3.37
CA LYS B 220 -5.12 -20.40 4.26
C LYS B 220 -6.03 -20.92 5.38
N LYS B 221 -6.96 -20.10 5.87
CA LYS B 221 -7.89 -20.63 6.87
C LYS B 221 -8.78 -21.71 6.29
N ALA B 222 -9.01 -21.67 4.97
CA ALA B 222 -9.72 -22.72 4.25
C ALA B 222 -8.80 -23.87 3.83
N HIS B 223 -7.55 -23.86 4.31
CA HIS B 223 -6.57 -24.94 4.21
C HIS B 223 -5.93 -25.02 2.84
N PHE B 224 -5.93 -23.92 2.08
CA PHE B 224 -5.24 -23.85 0.81
C PHE B 224 -3.89 -23.16 0.99
N ALA B 225 -2.99 -23.43 0.04
CA ALA B 225 -1.66 -22.84 0.14
C ALA B 225 -1.71 -21.32 0.03
N ASP B 226 -2.56 -20.78 -0.84
CA ASP B 226 -2.72 -19.33 -0.99
C ASP B 226 -3.94 -19.05 -1.84
N ALA B 227 -4.21 -17.76 -2.01
CA ALA B 227 -5.26 -17.26 -2.89
C ALA B 227 -4.68 -17.05 -4.27
N ILE B 228 -5.52 -17.25 -5.27
CA ILE B 228 -5.19 -16.88 -6.64
C ILE B 228 -6.09 -15.70 -6.99
N TYR B 229 -5.50 -14.68 -7.62
CA TYR B 229 -6.16 -13.41 -7.97
C TYR B 229 -6.46 -13.42 -9.45
N LEU B 230 -7.69 -13.01 -9.78
CA LEU B 230 -8.16 -12.84 -11.15
C LEU B 230 -8.04 -11.38 -11.56
N ASP B 231 -8.24 -11.14 -12.84
CA ASP B 231 -8.19 -9.74 -13.31
C ASP B 231 -9.23 -8.89 -12.57
N PRO B 232 -8.86 -7.71 -12.07
CA PRO B 232 -9.75 -6.99 -11.18
C PRO B 232 -10.96 -6.41 -11.90
N MET B 233 -10.90 -6.19 -13.23
CA MET B 233 -12.07 -5.60 -13.91
C MET B 233 -13.20 -6.61 -14.07
N THR B 234 -12.87 -7.89 -14.38
CA THR B 234 -13.92 -8.86 -14.74
C THR B 234 -13.89 -10.15 -13.96
N HIS B 235 -12.80 -10.49 -13.29
CA HIS B 235 -12.68 -11.77 -12.59
C HIS B 235 -13.02 -12.90 -13.53
N THR B 236 -12.45 -12.82 -14.73
CA THR B 236 -12.53 -13.94 -15.66
C THR B 236 -11.18 -14.55 -16.01
N LYS B 237 -10.07 -13.93 -15.64
CA LYS B 237 -8.73 -14.33 -16.10
C LYS B 237 -7.76 -14.41 -14.93
N ILE B 238 -6.92 -15.45 -14.88
CA ILE B 238 -5.92 -15.55 -13.81
C ILE B 238 -4.85 -14.49 -13.97
N GLU B 239 -4.48 -13.87 -12.86
CA GLU B 239 -3.38 -12.90 -12.83
C GLU B 239 -2.22 -13.33 -11.97
N GLU B 240 -2.46 -13.78 -10.73
CA GLU B 240 -1.35 -14.06 -9.82
C GLU B 240 -1.72 -15.20 -8.89
N VAL B 241 -0.70 -15.94 -8.45
CA VAL B 241 -0.91 -17.05 -7.50
C VAL B 241 -0.23 -16.62 -6.22
N GLY B 242 -0.99 -16.10 -5.27
CA GLY B 242 -0.38 -15.57 -4.05
C GLY B 242 0.55 -14.41 -4.44
N SER B 243 1.85 -14.51 -4.11
CA SER B 243 2.82 -13.52 -4.55
C SER B 243 3.76 -14.13 -5.59
N ALA B 244 3.21 -14.96 -6.49
CA ALA B 244 4.00 -15.61 -7.52
C ALA B 244 3.27 -15.53 -8.84
N ASN B 245 4.00 -15.68 -9.95
CA ASN B 245 3.31 -15.68 -11.24
C ASN B 245 2.75 -17.07 -11.53
N PHE B 246 1.68 -17.11 -12.35
CA PHE B 246 1.07 -18.37 -12.78
C PHE B 246 1.70 -18.82 -14.10
N PHE B 247 1.88 -20.11 -14.27
CA PHE B 247 2.07 -20.63 -15.62
C PHE B 247 1.26 -21.92 -15.75
N GLY B 248 0.79 -22.16 -16.98
CA GLY B 248 0.17 -23.43 -17.34
C GLY B 248 0.96 -24.04 -18.48
N ILE B 249 0.93 -25.37 -18.57
CA ILE B 249 1.54 -26.11 -19.67
C ILE B 249 0.41 -26.75 -20.45
N THR B 250 0.22 -26.35 -21.71
CA THR B 250 -0.90 -26.87 -22.49
C THR B 250 -0.68 -28.31 -22.91
N HIS B 251 -1.75 -28.91 -23.43
CA HIS B 251 -1.65 -30.29 -23.92
C HIS B 251 -0.66 -30.41 -25.06
N ASP B 252 -0.48 -29.36 -25.87
CA ASP B 252 0.57 -29.36 -26.88
C ASP B 252 1.83 -28.68 -26.40
N ASN B 253 2.05 -28.67 -25.08
CA ASN B 253 3.34 -28.39 -24.47
C ASN B 253 3.77 -26.93 -24.61
N LYS B 254 2.83 -26.00 -24.64
CA LYS B 254 3.19 -24.59 -24.64
C LYS B 254 3.21 -24.09 -23.21
N PHE B 255 4.17 -23.20 -22.90
CA PHE B 255 4.29 -22.55 -21.59
C PHE B 255 3.45 -21.28 -21.67
N VAL B 256 2.35 -21.22 -20.89
CA VAL B 256 1.40 -20.10 -21.01
C VAL B 256 1.42 -19.30 -19.71
N THR B 257 1.54 -17.99 -19.82
CA THR B 257 1.51 -17.18 -18.60
C THR B 257 0.71 -15.89 -18.83
N PRO B 258 0.01 -15.38 -17.81
CA PRO B 258 -0.81 -14.17 -17.99
C PRO B 258 -0.03 -12.94 -18.38
N ASN B 259 -0.70 -12.09 -19.17
CA ASN B 259 -0.16 -10.80 -19.58
C ASN B 259 -1.27 -9.79 -19.36
N SER B 260 -1.01 -8.78 -18.53
CA SER B 260 -1.99 -7.71 -18.34
C SER B 260 -1.27 -6.57 -17.64
N PRO B 261 -1.84 -5.37 -17.69
CA PRO B 261 -1.17 -4.22 -17.03
C PRO B 261 -1.04 -4.36 -15.52
N SER B 262 -1.80 -5.25 -14.86
CA SER B 262 -1.77 -5.38 -13.40
C SER B 262 -0.99 -6.59 -12.91
N VAL B 263 -0.49 -7.45 -13.79
CA VAL B 263 0.40 -8.56 -13.38
C VAL B 263 1.79 -8.03 -13.03
N LEU B 264 2.36 -8.55 -11.96
CA LEU B 264 3.73 -8.22 -11.58
C LEU B 264 4.71 -8.93 -12.50
N PRO B 265 5.57 -8.20 -13.21
CA PRO B 265 6.46 -8.87 -14.17
C PRO B 265 7.63 -9.56 -13.48
N GLY B 266 7.49 -10.86 -13.18
CA GLY B 266 8.46 -11.52 -12.34
C GLY B 266 9.73 -11.86 -13.11
N ILE B 267 10.84 -11.87 -12.38
CA ILE B 267 12.14 -12.27 -12.95
C ILE B 267 12.24 -13.79 -13.11
N THR B 268 11.68 -14.56 -12.18
CA THR B 268 11.62 -16.00 -12.39
C THR B 268 10.82 -16.32 -13.62
N ARG B 269 9.66 -15.66 -13.79
CA ARG B 269 8.87 -15.88 -15.00
C ARG B 269 9.65 -15.55 -16.26
N LEU B 270 10.33 -14.40 -16.27
CA LEU B 270 11.14 -14.03 -17.42
C LEU B 270 12.23 -15.06 -17.70
N SER B 271 12.85 -15.57 -16.63
CA SER B 271 13.89 -16.56 -16.76
C SER B 271 13.34 -17.86 -17.35
N LEU B 272 12.19 -18.31 -16.84
CA LEU B 272 11.57 -19.53 -17.38
C LEU B 272 11.16 -19.33 -18.84
N ILE B 273 10.65 -18.14 -19.19
CA ILE B 273 10.28 -17.88 -20.59
C ILE B 273 11.51 -18.01 -21.48
N GLU B 274 12.63 -17.40 -21.04
CA GLU B 274 13.85 -17.43 -21.84
C GLU B 274 14.44 -18.84 -21.91
N LEU B 275 14.41 -19.59 -20.80
CA LEU B 275 14.96 -20.94 -20.86
C LEU B 275 14.07 -21.85 -21.69
N ALA B 276 12.75 -21.69 -21.56
CA ALA B 276 11.82 -22.46 -22.37
C ALA B 276 12.10 -22.24 -23.84
N LYS B 277 12.26 -20.96 -24.25
CA LYS B 277 12.44 -20.66 -25.66
C LYS B 277 13.81 -21.04 -26.18
N THR B 278 14.87 -20.73 -25.42
CA THR B 278 16.21 -20.84 -25.96
C THR B 278 16.96 -22.08 -25.50
N ARG B 279 16.48 -22.79 -24.47
CA ARG B 279 17.20 -23.97 -24.01
C ARG B 279 16.37 -25.25 -24.04
N LEU B 280 15.04 -25.17 -23.90
CA LEU B 280 14.21 -26.37 -23.80
C LEU B 280 13.38 -26.65 -25.04
N GLY B 281 13.50 -25.84 -26.09
CA GLY B 281 12.77 -26.03 -27.33
C GLY B 281 11.28 -25.90 -27.18
N MET B 282 10.82 -25.03 -26.28
CA MET B 282 9.38 -24.85 -26.02
C MET B 282 8.83 -23.56 -26.61
N GLU B 283 7.52 -23.58 -26.93
CA GLU B 283 6.76 -22.38 -27.32
C GLU B 283 6.22 -21.69 -26.08
N VAL B 284 6.23 -20.35 -26.09
CA VAL B 284 5.68 -19.56 -25.00
C VAL B 284 4.52 -18.74 -25.50
N VAL B 285 3.44 -18.69 -24.73
CA VAL B 285 2.32 -17.78 -24.95
C VAL B 285 2.15 -16.87 -23.74
N GLU B 286 2.16 -15.56 -23.96
CA GLU B 286 1.82 -14.58 -22.95
C GLU B 286 0.47 -13.97 -23.32
N GLY B 287 -0.55 -14.27 -22.54
CA GLY B 287 -1.85 -13.80 -22.99
C GLY B 287 -2.95 -13.95 -21.95
N ASP B 288 -4.18 -14.19 -22.36
CA ASP B 288 -5.32 -14.28 -21.44
C ASP B 288 -5.48 -15.74 -21.02
N VAL B 289 -5.50 -15.98 -19.72
CA VAL B 289 -5.66 -17.31 -19.13
C VAL B 289 -7.04 -17.33 -18.47
N PHE B 290 -8.03 -17.87 -19.16
CA PHE B 290 -9.40 -17.85 -18.64
C PHE B 290 -9.62 -18.86 -17.51
N ILE B 291 -10.32 -18.41 -16.46
CA ILE B 291 -10.54 -19.32 -15.31
C ILE B 291 -11.58 -20.40 -15.63
N ASP B 292 -12.44 -20.18 -16.63
CA ASP B 292 -13.39 -21.19 -17.09
C ASP B 292 -12.75 -22.19 -18.08
N LYS B 293 -11.45 -22.11 -18.32
CA LYS B 293 -10.79 -23.01 -19.26
C LYS B 293 -9.58 -23.69 -18.64
N LEU B 294 -9.65 -24.06 -17.34
CA LEU B 294 -8.47 -24.71 -16.74
C LEU B 294 -8.14 -26.03 -17.44
N SER B 295 -9.12 -26.64 -18.09
CA SER B 295 -8.86 -27.87 -18.82
C SER B 295 -7.86 -27.70 -19.96
N ASP B 296 -7.51 -26.46 -20.33
CA ASP B 296 -6.45 -26.24 -21.32
C ASP B 296 -5.09 -26.79 -20.89
N PHE B 297 -4.83 -26.96 -19.59
CA PHE B 297 -3.48 -27.21 -19.09
C PHE B 297 -3.37 -28.64 -18.58
N LYS B 298 -2.29 -29.36 -18.96
CA LYS B 298 -2.06 -30.65 -18.32
C LYS B 298 -1.20 -30.52 -17.05
N GLU B 299 -0.56 -29.38 -16.85
CA GLU B 299 0.23 -29.07 -15.66
C GLU B 299 0.10 -27.59 -15.42
N ALA B 300 0.32 -27.19 -14.18
CA ALA B 300 0.34 -25.76 -13.86
C ALA B 300 1.21 -25.53 -12.64
N GLY B 301 1.71 -24.31 -12.52
CA GLY B 301 2.58 -23.95 -11.43
C GLY B 301 2.62 -22.45 -11.20
N ALA B 302 3.28 -22.10 -10.11
CA ALA B 302 3.58 -20.71 -9.76
C ALA B 302 5.08 -20.50 -9.65
N CYS B 303 5.57 -19.37 -10.12
CA CYS B 303 7.01 -19.14 -10.07
C CYS B 303 7.31 -17.81 -9.37
N GLY B 304 8.41 -17.78 -8.66
CA GLY B 304 8.88 -16.53 -8.03
C GLY B 304 10.22 -16.84 -7.37
N THR B 305 10.87 -15.79 -6.88
CA THR B 305 12.24 -15.96 -6.38
C THR B 305 12.28 -16.89 -5.15
N ALA B 306 11.37 -16.68 -4.20
CA ALA B 306 11.44 -17.45 -2.95
C ALA B 306 11.12 -18.93 -3.18
N ALA B 307 10.08 -19.22 -3.92
CA ALA B 307 9.65 -20.60 -4.09
C ALA B 307 10.29 -21.29 -5.28
N VAL B 308 10.88 -20.53 -6.20
CA VAL B 308 11.38 -20.98 -7.50
C VAL B 308 10.18 -21.45 -8.33
N ILE B 309 9.72 -22.68 -8.12
CA ILE B 309 8.48 -23.13 -8.74
C ILE B 309 7.67 -23.82 -7.67
N THR B 310 6.37 -23.45 -7.54
CA THR B 310 5.47 -24.20 -6.68
C THR B 310 4.50 -24.94 -7.61
N PRO B 311 4.54 -26.27 -7.70
CA PRO B 311 3.59 -26.96 -8.57
C PRO B 311 2.17 -26.84 -8.02
N ILE B 312 1.21 -26.63 -8.92
CA ILE B 312 -0.19 -26.54 -8.54
C ILE B 312 -0.83 -27.90 -8.74
N GLY B 313 -1.35 -28.46 -7.67
CA GLY B 313 -2.09 -29.72 -7.79
C GLY B 313 -3.49 -29.40 -8.28
N GLY B 314 -4.16 -28.49 -7.61
CA GLY B 314 -5.53 -28.17 -8.00
C GLY B 314 -5.84 -26.74 -7.65
N ILE B 315 -6.81 -26.18 -8.36
CA ILE B 315 -7.37 -24.86 -8.06
C ILE B 315 -8.83 -25.04 -7.68
N ASP B 316 -9.21 -24.51 -6.52
CA ASP B 316 -10.61 -24.52 -6.08
C ASP B 316 -11.29 -23.26 -6.59
N TYR B 317 -12.39 -23.45 -7.31
CA TYR B 317 -13.12 -22.34 -7.95
C TYR B 317 -14.61 -22.69 -7.86
N ASN B 318 -15.43 -21.77 -7.36
CA ASN B 318 -16.86 -22.07 -7.13
C ASN B 318 -17.01 -23.42 -6.42
N ASP B 319 -16.14 -23.64 -5.42
CA ASP B 319 -16.16 -24.83 -4.56
C ASP B 319 -16.06 -26.17 -5.31
N HIS B 320 -15.27 -26.20 -6.37
CA HIS B 320 -14.88 -27.45 -6.98
C HIS B 320 -13.39 -27.38 -7.25
N LEU B 321 -12.68 -28.47 -6.95
CA LEU B 321 -11.23 -28.54 -7.08
C LEU B 321 -10.92 -29.05 -8.48
N HIS B 322 -10.26 -28.24 -9.29
CA HIS B 322 -9.78 -28.66 -10.60
C HIS B 322 -8.36 -29.15 -10.44
N VAL B 323 -8.12 -30.44 -10.73
CA VAL B 323 -6.77 -31.00 -10.68
C VAL B 323 -6.22 -31.14 -12.09
N PHE B 324 -5.01 -30.59 -12.37
CA PHE B 324 -4.47 -30.58 -13.74
C PHE B 324 -3.85 -31.93 -14.08
N HIS B 325 -2.91 -32.36 -13.24
CA HIS B 325 -2.11 -33.57 -13.45
C HIS B 325 -2.29 -34.56 -12.32
N SER B 326 -2.12 -34.11 -11.08
CA SER B 326 -2.06 -35.02 -9.94
C SER B 326 -2.03 -34.22 -8.65
N GLU B 327 -2.62 -34.81 -7.61
CA GLU B 327 -2.46 -34.27 -6.26
C GLU B 327 -1.18 -34.76 -5.58
N THR B 328 -0.47 -35.74 -6.18
CA THR B 328 0.63 -36.41 -5.50
C THR B 328 1.95 -36.36 -6.27
N GLU B 329 1.93 -36.10 -7.57
CA GLU B 329 3.13 -36.18 -8.38
C GLU B 329 3.27 -34.92 -9.23
N VAL B 330 4.47 -34.43 -9.31
CA VAL B 330 4.73 -33.26 -10.16
C VAL B 330 4.92 -33.72 -11.60
N GLY B 331 4.32 -32.98 -12.52
CA GLY B 331 4.34 -33.37 -13.91
C GLY B 331 5.72 -33.17 -14.47
N PRO B 332 6.00 -33.87 -15.58
CA PRO B 332 7.38 -33.93 -16.09
C PRO B 332 7.87 -32.63 -16.67
N VAL B 333 6.99 -31.83 -17.28
CA VAL B 333 7.44 -30.57 -17.85
C VAL B 333 7.88 -29.64 -16.74
N THR B 334 7.09 -29.55 -15.67
CA THR B 334 7.45 -28.75 -14.51
C THR B 334 8.77 -29.21 -13.93
N GLN B 335 8.98 -30.53 -13.87
CA GLN B 335 10.23 -31.02 -13.32
C GLN B 335 11.39 -30.56 -14.20
N LYS B 336 11.20 -30.60 -15.53
CA LYS B 336 12.27 -30.22 -16.45
C LYS B 336 12.59 -28.73 -16.33
N LEU B 337 11.57 -27.89 -16.23
CA LEU B 337 11.77 -26.45 -16.00
C LEU B 337 12.50 -26.19 -14.68
N TYR B 338 12.06 -26.85 -13.62
CA TYR B 338 12.73 -26.66 -12.34
C TYR B 338 14.20 -27.10 -12.42
N LYS B 339 14.46 -28.22 -13.07
CA LYS B 339 15.83 -28.71 -13.21
C LYS B 339 16.69 -27.69 -13.95
N GLU B 340 16.15 -27.15 -15.04
CA GLU B 340 16.92 -26.22 -15.86
C GLU B 340 17.22 -24.93 -15.09
N LEU B 341 16.21 -24.39 -14.42
CA LEU B 341 16.36 -23.11 -13.75
C LEU B 341 17.28 -23.23 -12.54
N THR B 342 17.08 -24.24 -11.71
CA THR B 342 17.99 -24.42 -10.57
C THR B 342 19.41 -24.78 -11.02
N GLY B 343 19.56 -25.50 -12.13
CA GLY B 343 20.90 -25.78 -12.64
C GLY B 343 21.63 -24.52 -13.07
N VAL B 344 20.92 -23.60 -13.73
CA VAL B 344 21.56 -22.35 -14.11
C VAL B 344 21.89 -21.52 -12.87
N GLN B 345 20.95 -21.44 -11.92
CA GLN B 345 21.19 -20.65 -10.71
C GLN B 345 22.43 -21.11 -9.96
N THR B 346 22.64 -22.44 -9.84
CA THR B 346 23.76 -22.95 -9.05
C THR B 346 25.05 -23.18 -9.83
N GLY B 347 25.08 -22.99 -11.15
CA GLY B 347 26.31 -23.26 -11.92
C GLY B 347 26.50 -24.68 -12.41
N ASP B 348 25.51 -25.55 -12.24
CA ASP B 348 25.58 -26.89 -12.81
C ASP B 348 25.25 -26.92 -14.30
N ILE B 349 24.57 -25.90 -14.78
CA ILE B 349 24.22 -25.74 -16.20
C ILE B 349 24.69 -24.35 -16.58
N GLU B 350 25.41 -24.26 -17.70
CA GLU B 350 25.95 -22.98 -18.09
C GLU B 350 24.82 -22.00 -18.35
N ALA B 351 24.96 -20.77 -17.80
CA ALA B 351 23.87 -19.81 -17.87
C ALA B 351 23.84 -19.06 -19.20
N PRO B 352 22.67 -18.55 -19.56
CA PRO B 352 22.59 -17.58 -20.65
C PRO B 352 23.45 -16.37 -20.37
N ALA B 353 23.79 -15.67 -21.45
CA ALA B 353 24.67 -14.53 -21.39
C ALA B 353 24.14 -13.47 -20.43
N GLY B 354 25.02 -13.02 -19.55
CA GLY B 354 24.72 -11.89 -18.69
C GLY B 354 23.88 -12.18 -17.47
N TRP B 355 23.41 -13.41 -17.28
CA TRP B 355 22.53 -13.71 -16.15
C TRP B 355 23.26 -13.76 -14.81
N ILE B 356 24.50 -14.25 -14.79
CA ILE B 356 25.16 -14.56 -13.52
C ILE B 356 26.19 -13.48 -13.21
N VAL B 357 26.15 -12.94 -12.00
CA VAL B 357 27.22 -12.09 -11.51
C VAL B 357 28.01 -12.86 -10.49
N LYS B 358 29.31 -13.04 -10.73
CA LYS B 358 30.15 -13.77 -9.78
C LYS B 358 30.48 -12.81 -8.65
N VAL B 359 30.29 -13.25 -7.41
CA VAL B 359 30.65 -12.38 -6.26
C VAL B 359 32.06 -12.71 -5.71
#